data_7PBG
#
_entry.id   7PBG
#
_cell.length_a   151.134
_cell.length_b   96.080
_cell.length_c   87.636
_cell.angle_alpha   90.000
_cell.angle_beta   115.650
_cell.angle_gamma   90.000
#
_symmetry.space_group_name_H-M   'C 1 2 1'
#
loop_
_entity.id
_entity.type
_entity.pdbx_description
1 polymer 'FAD-binding oxidoreductase'
2 non-polymer 'FLAVIN-ADENINE DINUCLEOTIDE'
3 non-polymer 'CHLORIDE ION'
4 water water
#
_entity_poly.entity_id   1
_entity_poly.type   'polypeptide(L)'
_entity_poly.pdbx_seq_one_letter_code
;MNFRTLPDGVSAEQFANAISEFSETIGSEYVRVDEATVSEYDDKFPVTDGDEFKGSAVIWPGSTEDVQVIVRIANKYGIP
LHAFSGGRNLGYGGSSPMLTGTVLLHLGKRMNRVLEINEKLAYAVVEPGVDYKTLYEAVRDSGAKLMIDPAELDWGSVMG
NTMEHGVGYTPYADHSMWRCGMEVVLADGEVLRTGMGGLPGSEAWHLYPGQLGPSIEGLFEQSNFGICTRMGMQLMPTPP
EMLSFAIYFENEDDLPAIMETTLPLRIGMAPLQAAPIVRNVTFDAACVSKREEWQTEPGPLTDEAKQRMVDELGIGHWIV
YGTCYGPRWQIDKYIEMIRDAYLQIPGARFETNETLPLREGDRASELLNARHELNTGVPNRHSAAVFDWFPNAGHFFYAP
VSAPSGEDAAKQYEDTKRISDDHGIDYLAQFIIGLREMHHICLPLYDTADPASRKETLDMTRELIRAGAEEGYGIYRAHN
VLADQVAETYSFNNHIQRRSHERIKDALDPNGILNPGKSGIWPERLRNK
;
_entity_poly.pdbx_strand_id   A,B
#
loop_
_chem_comp.id
_chem_comp.type
_chem_comp.name
_chem_comp.formula
CL non-polymer 'CHLORIDE ION' 'Cl -1'
FAD non-polymer 'FLAVIN-ADENINE DINUCLEOTIDE' 'C27 H33 N9 O15 P2'
#
# COMPACT_ATOMS: atom_id res chain seq x y z
N PHE A 3 17.56 -31.94 24.51
CA PHE A 3 17.23 -30.78 23.58
C PHE A 3 18.48 -29.94 23.34
N ARG A 4 18.69 -29.48 22.10
CA ARG A 4 19.96 -28.84 21.67
C ARG A 4 20.07 -27.47 22.36
N THR A 5 18.93 -26.82 22.55
CA THR A 5 18.79 -25.47 23.14
C THR A 5 17.41 -25.44 23.81
N LEU A 6 17.22 -24.57 24.76
CA LEU A 6 15.89 -24.32 25.37
C LEU A 6 15.69 -22.82 25.46
N PRO A 7 14.40 -22.41 25.37
CA PRO A 7 14.06 -21.01 25.58
C PRO A 7 14.25 -20.68 27.07
N ASP A 8 14.88 -19.53 27.34
CA ASP A 8 14.92 -18.94 28.70
C ASP A 8 13.53 -19.05 29.36
N GLY A 9 13.47 -19.52 30.62
CA GLY A 9 12.20 -19.63 31.36
C GLY A 9 11.44 -20.92 31.14
N VAL A 10 11.90 -21.79 30.23
CA VAL A 10 11.21 -23.08 29.95
C VAL A 10 12.21 -24.20 30.29
N SER A 11 11.81 -25.02 31.24
CA SER A 11 12.63 -26.14 31.75
C SER A 11 12.55 -27.28 30.73
N ALA A 12 13.50 -28.22 30.81
CA ALA A 12 13.44 -29.42 29.94
C ALA A 12 12.13 -30.18 30.14
N GLU A 13 11.65 -30.29 31.37
CA GLU A 13 10.42 -31.05 31.67
C GLU A 13 9.24 -30.38 30.94
N GLN A 14 9.13 -29.06 31.10
CA GLN A 14 8.08 -28.24 30.45
C GLN A 14 8.18 -28.40 28.93
N PHE A 15 9.38 -28.24 28.38
CA PHE A 15 9.64 -28.35 26.92
C PHE A 15 9.24 -29.75 26.42
N ALA A 16 9.67 -30.80 27.13
CA ALA A 16 9.32 -32.19 26.73
C ALA A 16 7.78 -32.33 26.72
N ASN A 17 7.09 -31.65 27.63
CA ASN A 17 5.62 -31.79 27.76
C ASN A 17 4.97 -31.12 26.54
N ALA A 18 5.47 -29.95 26.14
CA ALA A 18 5.02 -29.22 24.93
C ALA A 18 5.30 -30.05 23.67
N ILE A 19 6.50 -30.62 23.56
CA ILE A 19 6.91 -31.50 22.42
C ILE A 19 5.95 -32.69 22.34
N SER A 20 5.62 -33.31 23.46
CA SER A 20 4.66 -34.44 23.50
C SER A 20 3.27 -33.98 22.99
N GLU A 21 2.83 -32.76 23.30
CA GLU A 21 1.52 -32.22 22.83
C GLU A 21 1.59 -31.90 21.32
N PHE A 22 2.66 -31.25 20.85
CA PHE A 22 2.87 -31.02 19.39
C PHE A 22 2.83 -32.38 18.67
N SER A 23 3.59 -33.35 19.17
CA SER A 23 3.65 -34.71 18.53
C SER A 23 2.24 -35.32 18.48
N GLU A 24 1.51 -35.32 19.60
CA GLU A 24 0.18 -35.98 19.70
C GLU A 24 -0.77 -35.33 18.68
N THR A 25 -0.72 -34.00 18.53
CA THR A 25 -1.74 -33.24 17.74
C THR A 25 -1.35 -33.13 16.25
N ILE A 26 -0.07 -32.98 15.94
CA ILE A 26 0.45 -32.71 14.56
C ILE A 26 0.94 -34.03 13.95
N GLY A 27 1.45 -34.93 14.80
CA GLY A 27 2.09 -36.17 14.32
C GLY A 27 3.57 -36.15 14.65
N SER A 28 4.07 -37.17 15.36
CA SER A 28 5.50 -37.24 15.80
C SER A 28 6.45 -37.10 14.60
N GLU A 29 6.09 -37.60 13.41
CA GLU A 29 6.99 -37.51 12.21
C GLU A 29 7.16 -36.05 11.75
N TYR A 30 6.38 -35.11 12.28
CA TYR A 30 6.42 -33.68 11.85
C TYR A 30 6.95 -32.76 12.95
N VAL A 31 7.39 -33.33 14.07
CA VAL A 31 7.96 -32.58 15.21
C VAL A 31 9.37 -33.13 15.45
N ARG A 32 10.42 -32.35 15.12
CA ARG A 32 11.82 -32.85 15.07
C ARG A 32 12.67 -32.09 16.10
N VAL A 33 13.37 -32.84 16.95
CA VAL A 33 14.27 -32.26 17.99
C VAL A 33 15.71 -32.76 17.80
N ASP A 34 15.97 -33.63 16.83
CA ASP A 34 17.34 -34.17 16.64
C ASP A 34 18.25 -33.10 16.03
N GLU A 35 19.51 -33.08 16.47
CA GLU A 35 20.53 -32.10 16.04
C GLU A 35 20.66 -32.10 14.51
N ALA A 36 20.70 -33.28 13.85
CA ALA A 36 20.90 -33.35 12.40
C ALA A 36 19.79 -32.58 11.67
N THR A 37 18.53 -32.75 12.09
CA THR A 37 17.37 -32.10 11.44
C THR A 37 17.27 -30.62 11.86
N VAL A 38 17.38 -30.32 13.15
CA VAL A 38 17.19 -28.90 13.57
C VAL A 38 18.33 -28.01 13.05
N SER A 39 19.55 -28.53 12.94
CA SER A 39 20.75 -27.74 12.58
C SER A 39 20.63 -27.24 11.16
N GLU A 40 19.87 -27.95 10.33
CA GLU A 40 19.52 -27.51 8.95
C GLU A 40 18.92 -26.08 8.99
N TYR A 41 18.30 -25.72 10.11
CA TYR A 41 17.50 -24.46 10.23
C TYR A 41 18.33 -23.40 10.95
N ASP A 42 19.56 -23.70 11.37
CA ASP A 42 20.49 -22.64 11.84
C ASP A 42 20.86 -21.72 10.65
N ASP A 43 21.19 -20.46 10.93
CA ASP A 43 21.51 -19.47 9.88
C ASP A 43 22.65 -20.03 9.03
N LYS A 44 22.49 -20.04 7.71
CA LYS A 44 23.57 -20.46 6.80
C LYS A 44 24.72 -19.46 6.81
N PHE A 45 24.43 -18.16 7.08
CA PHE A 45 25.37 -17.01 7.05
C PHE A 45 25.33 -16.32 8.40
N PRO A 46 25.83 -17.03 9.43
CA PRO A 46 25.96 -16.43 10.75
C PRO A 46 27.05 -15.38 10.81
N VAL A 47 26.94 -14.48 11.79
CA VAL A 47 28.07 -13.59 12.16
C VAL A 47 28.34 -13.78 13.67
N THR A 48 27.75 -14.81 14.26
CA THR A 48 27.96 -15.16 15.69
C THR A 48 28.47 -16.59 15.76
N ASP A 49 29.05 -16.98 16.91
CA ASP A 49 29.85 -18.24 17.00
C ASP A 49 29.20 -19.29 17.91
N GLY A 50 28.22 -18.89 18.72
CA GLY A 50 27.69 -19.70 19.85
C GLY A 50 26.28 -20.20 19.59
N ASP A 51 25.47 -20.25 20.66
CA ASP A 51 24.08 -20.74 20.58
C ASP A 51 23.11 -19.57 20.31
N GLU A 52 23.61 -18.37 19.97
CA GLU A 52 22.76 -17.25 19.50
C GLU A 52 21.95 -17.69 18.28
N PHE A 53 20.64 -17.43 18.30
CA PHE A 53 19.76 -17.59 17.12
C PHE A 53 19.66 -19.09 16.77
N LYS A 54 19.87 -19.98 17.72
CA LYS A 54 19.75 -21.44 17.44
C LYS A 54 18.40 -21.95 17.96
N GLY A 55 17.54 -22.44 17.07
CA GLY A 55 16.24 -22.98 17.46
C GLY A 55 16.38 -24.32 18.17
N SER A 56 15.34 -24.74 18.88
CA SER A 56 15.31 -25.95 19.74
C SER A 56 14.73 -27.12 18.97
N ALA A 57 13.85 -26.83 18.02
CA ALA A 57 13.02 -27.87 17.39
C ALA A 57 12.48 -27.25 16.12
N VAL A 58 12.09 -28.11 15.21
CA VAL A 58 11.35 -27.67 14.01
C VAL A 58 10.12 -28.52 13.85
N ILE A 59 9.02 -27.85 13.48
CA ILE A 59 7.73 -28.50 13.23
C ILE A 59 7.33 -28.18 11.79
N TRP A 60 6.82 -29.20 11.11
CA TRP A 60 6.30 -29.12 9.74
C TRP A 60 4.79 -29.22 9.79
N PRO A 61 4.08 -28.10 10.02
CA PRO A 61 2.64 -28.13 9.99
C PRO A 61 2.08 -28.43 8.61
N GLY A 62 0.93 -29.10 8.59
CA GLY A 62 0.31 -29.64 7.37
C GLY A 62 -0.85 -28.81 6.87
N SER A 63 -1.28 -27.79 7.64
CA SER A 63 -2.56 -27.08 7.44
C SER A 63 -2.65 -25.87 8.36
N THR A 64 -3.51 -24.93 8.05
CA THR A 64 -3.85 -23.81 8.95
C THR A 64 -4.26 -24.39 10.33
N GLU A 65 -5.06 -25.46 10.35
CA GLU A 65 -5.51 -26.02 11.66
C GLU A 65 -4.29 -26.44 12.49
N ASP A 66 -3.32 -27.10 11.87
CA ASP A 66 -2.08 -27.54 12.57
C ASP A 66 -1.42 -26.27 13.16
N VAL A 67 -1.24 -25.25 12.35
CA VAL A 67 -0.68 -23.96 12.87
C VAL A 67 -1.47 -23.48 14.10
N GLN A 68 -2.80 -23.48 14.03
CA GLN A 68 -3.61 -23.00 15.18
C GLN A 68 -3.29 -23.81 16.44
N VAL A 69 -3.28 -25.13 16.32
CA VAL A 69 -3.11 -26.01 17.52
C VAL A 69 -1.70 -25.81 18.04
N ILE A 70 -0.69 -25.68 17.17
CA ILE A 70 0.72 -25.41 17.63
C ILE A 70 0.76 -24.08 18.42
N VAL A 71 0.10 -23.05 17.91
CA VAL A 71 0.12 -21.73 18.57
C VAL A 71 -0.55 -21.82 19.96
N ARG A 72 -1.66 -22.56 20.06
CA ARG A 72 -2.40 -22.71 21.33
C ARG A 72 -1.48 -23.39 22.33
N ILE A 73 -0.85 -24.48 21.93
CA ILE A 73 0.10 -25.22 22.80
C ILE A 73 1.22 -24.27 23.21
N ALA A 74 1.78 -23.51 22.27
CA ALA A 74 2.89 -22.58 22.58
C ALA A 74 2.48 -21.58 23.65
N ASN A 75 1.25 -21.07 23.59
CA ASN A 75 0.71 -20.12 24.59
C ASN A 75 0.63 -20.84 25.96
N LYS A 76 0.16 -22.07 25.99
CA LYS A 76 -0.05 -22.79 27.29
C LYS A 76 1.32 -22.93 27.97
N TYR A 77 2.38 -23.20 27.20
CA TYR A 77 3.73 -23.48 27.80
C TYR A 77 4.62 -22.25 27.83
N GLY A 78 4.25 -21.16 27.17
CA GLY A 78 5.13 -19.96 27.10
C GLY A 78 6.36 -20.19 26.26
N ILE A 79 6.24 -20.98 25.19
CA ILE A 79 7.34 -21.34 24.28
C ILE A 79 7.30 -20.43 23.06
N PRO A 80 8.37 -19.64 22.80
CA PRO A 80 8.45 -18.80 21.62
C PRO A 80 8.52 -19.61 20.33
N LEU A 81 7.86 -19.05 19.28
CA LEU A 81 7.75 -19.67 17.94
C LEU A 81 8.38 -18.71 16.94
N HIS A 82 8.98 -19.25 15.89
CA HIS A 82 9.39 -18.47 14.70
C HIS A 82 8.87 -19.24 13.52
N ALA A 83 7.93 -18.61 12.81
CA ALA A 83 7.28 -19.20 11.64
C ALA A 83 7.84 -18.53 10.38
N PHE A 84 8.07 -19.32 9.37
CA PHE A 84 8.56 -18.80 8.08
C PHE A 84 8.05 -19.74 7.00
N SER A 85 8.14 -19.24 5.79
CA SER A 85 7.64 -19.92 4.60
C SER A 85 8.68 -20.88 4.03
N GLY A 86 9.75 -20.33 3.44
CA GLY A 86 10.86 -21.09 2.88
C GLY A 86 12.04 -21.15 3.84
N GLY A 87 12.19 -20.14 4.68
CA GLY A 87 13.34 -20.06 5.61
C GLY A 87 14.67 -19.80 4.92
N ARG A 88 14.65 -19.24 3.72
CA ARG A 88 15.87 -18.90 2.96
C ARG A 88 16.14 -17.39 2.99
N ASN A 89 15.92 -16.74 4.14
CA ASN A 89 16.12 -15.27 4.28
C ASN A 89 17.64 -15.00 4.46
N LEU A 90 18.46 -15.49 3.52
CA LEU A 90 19.91 -15.34 3.55
C LEU A 90 20.25 -13.86 3.56
N GLY A 91 21.18 -13.51 4.44
CA GLY A 91 21.67 -12.13 4.62
C GLY A 91 20.91 -11.39 5.69
N TYR A 92 19.85 -12.02 6.24
CA TYR A 92 18.94 -11.40 7.23
C TYR A 92 18.69 -12.39 8.36
N GLY A 93 19.35 -13.55 8.35
CA GLY A 93 19.23 -14.53 9.43
C GLY A 93 18.84 -15.91 8.92
N GLY A 94 18.55 -16.08 7.64
CA GLY A 94 18.17 -17.39 7.10
C GLY A 94 16.85 -17.86 7.70
N SER A 95 16.84 -19.03 8.34
CA SER A 95 15.66 -19.57 9.06
C SER A 95 15.81 -19.39 10.56
N SER A 96 16.79 -18.62 11.01
CA SER A 96 17.15 -18.59 12.45
C SER A 96 16.18 -17.67 13.17
N PRO A 97 15.79 -18.05 14.42
CA PRO A 97 14.93 -17.23 15.26
C PRO A 97 15.76 -16.16 15.97
N MET A 98 15.05 -15.19 16.51
CA MET A 98 15.65 -14.13 17.33
C MET A 98 16.21 -14.70 18.62
N LEU A 99 15.48 -15.60 19.26
CA LEU A 99 15.87 -16.12 20.59
C LEU A 99 16.37 -17.56 20.52
N THR A 100 17.48 -17.84 21.21
CA THR A 100 17.94 -19.22 21.36
C THR A 100 16.80 -20.07 21.95
N GLY A 101 16.54 -21.27 21.43
CA GLY A 101 15.56 -22.22 22.00
C GLY A 101 14.17 -22.02 21.42
N THR A 102 14.02 -21.12 20.44
CA THR A 102 12.72 -20.90 19.77
C THR A 102 12.38 -22.18 19.03
N VAL A 103 11.11 -22.56 19.06
CA VAL A 103 10.60 -23.68 18.22
C VAL A 103 10.33 -23.09 16.84
N LEU A 104 10.88 -23.69 15.79
CA LEU A 104 10.71 -23.16 14.40
C LEU A 104 9.52 -23.84 13.73
N LEU A 105 8.71 -23.05 13.02
CA LEU A 105 7.61 -23.61 12.20
C LEU A 105 8.04 -23.40 10.74
N HIS A 106 8.44 -24.46 10.05
CA HIS A 106 8.70 -24.37 8.60
C HIS A 106 7.40 -24.74 7.86
N LEU A 107 6.60 -23.73 7.57
CA LEU A 107 5.28 -23.89 6.94
C LEU A 107 5.43 -24.48 5.55
N GLY A 108 6.45 -24.04 4.81
CA GLY A 108 6.53 -24.32 3.38
C GLY A 108 6.87 -25.78 3.10
N LYS A 109 7.39 -26.54 4.07
CA LYS A 109 7.76 -27.96 3.83
C LYS A 109 6.53 -28.68 3.27
N ARG A 110 5.35 -28.53 3.94
CA ARG A 110 4.11 -29.26 3.58
C ARG A 110 3.03 -28.33 3.03
N MET A 111 3.00 -27.06 3.43
CA MET A 111 1.94 -26.16 2.97
C MET A 111 2.45 -25.43 1.72
N ASN A 112 2.38 -26.09 0.55
CA ASN A 112 3.23 -25.68 -0.58
C ASN A 112 2.45 -25.62 -1.90
N ARG A 113 1.14 -25.48 -1.85
CA ARG A 113 0.29 -25.47 -3.08
C ARG A 113 0.10 -24.04 -3.61
N VAL A 114 0.11 -23.96 -4.94
CA VAL A 114 -0.56 -22.87 -5.66
C VAL A 114 -2.05 -23.22 -5.71
N LEU A 115 -2.91 -22.35 -5.22
CA LEU A 115 -4.35 -22.66 -5.06
C LEU A 115 -5.18 -22.07 -6.20
N GLU A 116 -4.66 -21.07 -6.89
CA GLU A 116 -5.44 -20.38 -7.94
C GLU A 116 -4.44 -19.67 -8.83
N ILE A 117 -4.73 -19.67 -10.11
CA ILE A 117 -4.12 -18.78 -11.13
C ILE A 117 -5.28 -18.22 -11.95
N ASN A 118 -5.67 -17.01 -11.60
CA ASN A 118 -6.84 -16.37 -12.21
C ASN A 118 -6.31 -15.53 -13.38
N GLU A 119 -6.53 -15.96 -14.61
CA GLU A 119 -6.03 -15.15 -15.74
C GLU A 119 -6.85 -13.86 -15.91
N LYS A 120 -8.19 -13.94 -15.89
CA LYS A 120 -9.08 -12.78 -16.20
C LYS A 120 -8.75 -11.62 -15.26
N LEU A 121 -8.51 -11.90 -13.97
CA LEU A 121 -8.28 -10.85 -12.97
C LEU A 121 -6.80 -10.86 -12.54
N ALA A 122 -5.96 -11.61 -13.23
CA ALA A 122 -4.46 -11.53 -13.16
C ALA A 122 -3.96 -11.62 -11.73
N TYR A 123 -4.27 -12.69 -11.04
CA TYR A 123 -3.68 -12.95 -9.70
C TYR A 123 -3.43 -14.44 -9.49
N ALA A 124 -2.61 -14.75 -8.50
CA ALA A 124 -2.41 -16.13 -8.05
C ALA A 124 -2.62 -16.13 -6.54
N VAL A 125 -2.89 -17.29 -6.02
CA VAL A 125 -3.03 -17.53 -4.56
C VAL A 125 -2.02 -18.59 -4.17
N VAL A 126 -1.23 -18.30 -3.16
CA VAL A 126 -0.11 -19.20 -2.79
C VAL A 126 -0.18 -19.56 -1.32
N GLU A 127 0.28 -20.74 -1.03
CA GLU A 127 0.63 -21.18 0.33
C GLU A 127 2.09 -20.83 0.59
N PRO A 128 2.55 -20.97 1.84
CA PRO A 128 3.89 -20.54 2.18
C PRO A 128 5.03 -21.15 1.36
N GLY A 129 4.95 -22.43 1.00
CA GLY A 129 6.07 -23.14 0.42
C GLY A 129 6.21 -22.93 -1.07
N VAL A 130 5.32 -22.16 -1.68
CA VAL A 130 5.47 -21.87 -3.14
C VAL A 130 6.63 -20.91 -3.35
N ASP A 131 7.62 -21.34 -4.12
CA ASP A 131 8.81 -20.52 -4.45
C ASP A 131 8.58 -19.95 -5.84
N TYR A 132 9.48 -19.06 -6.23
CA TYR A 132 9.31 -18.35 -7.51
C TYR A 132 9.37 -19.39 -8.61
N LYS A 133 10.27 -20.36 -8.50
CA LYS A 133 10.39 -21.42 -9.55
C LYS A 133 9.02 -22.10 -9.73
N THR A 134 8.41 -22.55 -8.64
CA THR A 134 7.14 -23.29 -8.67
C THR A 134 6.01 -22.44 -9.26
N LEU A 135 5.89 -21.16 -8.84
CA LEU A 135 4.77 -20.34 -9.32
C LEU A 135 5.00 -20.08 -10.79
N TYR A 136 6.24 -19.88 -11.22
CA TYR A 136 6.56 -19.64 -12.63
C TYR A 136 6.09 -20.86 -13.42
N GLU A 137 6.46 -22.03 -12.97
CA GLU A 137 6.11 -23.28 -13.69
C GLU A 137 4.58 -23.44 -13.70
N ALA A 138 3.90 -23.19 -12.58
CA ALA A 138 2.43 -23.35 -12.48
C ALA A 138 1.73 -22.39 -13.44
N VAL A 139 2.22 -21.15 -13.57
CA VAL A 139 1.63 -20.16 -14.48
C VAL A 139 1.92 -20.62 -15.91
N ARG A 140 3.15 -21.02 -16.20
CA ARG A 140 3.54 -21.45 -17.56
C ARG A 140 2.63 -22.60 -17.98
N ASP A 141 2.49 -23.59 -17.12
CA ASP A 141 1.75 -24.83 -17.49
C ASP A 141 0.22 -24.57 -17.55
N SER A 142 -0.30 -23.50 -16.90
CA SER A 142 -1.74 -23.10 -16.89
C SER A 142 -2.14 -22.49 -18.24
N GLY A 143 -1.17 -21.98 -19.02
CA GLY A 143 -1.48 -21.24 -20.24
C GLY A 143 -1.79 -19.78 -19.94
N ALA A 144 -1.94 -19.39 -18.68
CA ALA A 144 -2.37 -18.01 -18.35
C ALA A 144 -1.30 -16.99 -18.80
N LYS A 145 -1.68 -15.90 -19.46
CA LYS A 145 -0.75 -14.87 -19.98
C LYS A 145 -0.43 -13.85 -18.87
N LEU A 146 0.24 -14.35 -17.85
CA LEU A 146 0.63 -13.60 -16.65
C LEU A 146 2.11 -13.85 -16.39
N MET A 147 2.75 -12.86 -15.78
CA MET A 147 4.16 -12.91 -15.38
C MET A 147 4.22 -12.87 -13.87
N ILE A 148 5.20 -13.54 -13.32
CA ILE A 148 5.55 -13.34 -11.91
C ILE A 148 6.65 -12.28 -11.80
N ASP A 149 6.96 -11.91 -10.57
CA ASP A 149 8.00 -10.90 -10.24
C ASP A 149 8.95 -11.56 -9.26
N PRO A 150 9.97 -12.31 -9.74
CA PRO A 150 10.88 -12.97 -8.84
C PRO A 150 11.94 -12.02 -8.25
N ALA A 151 12.34 -12.30 -7.01
CA ALA A 151 13.63 -11.85 -6.46
C ALA A 151 14.75 -12.59 -7.20
N GLU A 152 16.00 -12.35 -6.79
CA GLU A 152 17.20 -12.81 -7.52
C GLU A 152 17.33 -14.31 -7.46
N LEU A 153 16.84 -14.96 -6.40
CA LEU A 153 17.04 -16.42 -6.27
C LEU A 153 15.70 -17.16 -6.38
N ASP A 154 15.62 -18.20 -7.21
CA ASP A 154 14.31 -18.80 -7.57
C ASP A 154 13.72 -19.68 -6.45
N TRP A 155 14.50 -19.95 -5.40
CA TRP A 155 14.04 -20.70 -4.21
C TRP A 155 13.36 -19.77 -3.19
N GLY A 156 13.37 -18.46 -3.41
CA GLY A 156 12.63 -17.51 -2.55
C GLY A 156 11.16 -17.86 -2.52
N SER A 157 10.52 -17.77 -1.36
CA SER A 157 9.06 -17.95 -1.16
C SER A 157 8.28 -16.71 -1.62
N VAL A 158 7.28 -16.88 -2.49
CA VAL A 158 6.46 -15.71 -2.92
C VAL A 158 5.93 -15.01 -1.68
N MET A 159 5.44 -15.79 -0.73
CA MET A 159 4.85 -15.27 0.51
C MET A 159 5.93 -14.72 1.43
N GLY A 160 6.96 -15.54 1.68
CA GLY A 160 7.99 -15.19 2.66
C GLY A 160 8.72 -13.91 2.27
N ASN A 161 9.05 -13.77 0.98
CA ASN A 161 9.75 -12.56 0.51
C ASN A 161 8.84 -11.35 0.79
N THR A 162 7.55 -11.48 0.46
CA THR A 162 6.56 -10.41 0.66
C THR A 162 6.57 -9.99 2.11
N MET A 163 6.57 -10.94 3.03
CA MET A 163 6.47 -10.62 4.49
C MET A 163 7.70 -9.83 4.96
N GLU A 164 8.80 -9.83 4.21
CA GLU A 164 10.00 -9.03 4.50
C GLU A 164 10.01 -7.70 3.73
N HIS A 165 8.94 -7.34 3.01
CA HIS A 165 8.94 -6.20 2.08
C HIS A 165 10.07 -6.42 1.09
N GLY A 166 10.15 -7.63 0.54
CA GLY A 166 11.13 -7.94 -0.47
C GLY A 166 10.75 -7.40 -1.82
N VAL A 167 11.67 -7.52 -2.77
CA VAL A 167 11.51 -6.85 -4.09
C VAL A 167 12.07 -7.73 -5.19
N GLY A 168 11.54 -7.46 -6.38
CA GLY A 168 12.09 -7.99 -7.62
C GLY A 168 12.42 -6.86 -8.55
N TYR A 169 12.22 -7.05 -9.84
CA TYR A 169 12.86 -6.18 -10.85
C TYR A 169 11.91 -5.87 -12.00
N THR A 170 10.67 -6.38 -11.98
CA THR A 170 9.72 -6.01 -13.06
C THR A 170 8.99 -4.74 -12.68
N PRO A 171 8.02 -4.24 -13.48
CA PRO A 171 7.20 -3.12 -12.99
C PRO A 171 6.46 -3.51 -11.69
N TYR A 172 6.21 -4.81 -11.48
CA TYR A 172 5.60 -5.35 -10.21
C TYR A 172 6.66 -5.64 -9.15
N ALA A 173 7.77 -4.90 -9.12
CA ALA A 173 8.92 -5.17 -8.22
C ALA A 173 8.52 -5.09 -6.75
N ASP A 174 7.58 -4.21 -6.40
CA ASP A 174 7.21 -3.98 -4.98
C ASP A 174 6.19 -5.05 -4.56
N HIS A 175 6.68 -6.14 -4.04
CA HIS A 175 5.89 -7.33 -3.70
C HIS A 175 4.78 -6.94 -2.73
N SER A 176 5.05 -6.01 -1.85
CA SER A 176 4.04 -5.58 -0.85
C SER A 176 2.87 -4.88 -1.53
N MET A 177 3.09 -4.22 -2.64
CA MET A 177 2.03 -3.50 -3.40
C MET A 177 1.07 -4.51 -4.05
N TRP A 178 1.59 -5.65 -4.48
CA TRP A 178 0.78 -6.62 -5.26
C TRP A 178 0.22 -7.74 -4.42
N ARG A 179 0.71 -7.88 -3.19
CA ARG A 179 0.08 -8.68 -2.11
C ARG A 179 -1.37 -8.24 -1.99
N CYS A 180 -2.32 -9.17 -1.94
CA CYS A 180 -3.72 -8.80 -1.66
C CYS A 180 -4.49 -9.97 -1.10
N GLY A 181 -4.80 -9.96 0.18
CA GLY A 181 -5.62 -10.99 0.81
C GLY A 181 -4.74 -12.01 1.49
N MET A 182 -4.77 -12.06 2.80
CA MET A 182 -3.92 -12.98 3.59
C MET A 182 -4.83 -13.72 4.56
N GLU A 183 -4.55 -15.00 4.74
CA GLU A 183 -5.06 -15.74 5.91
C GLU A 183 -3.93 -15.77 6.94
N VAL A 184 -4.26 -15.45 8.18
CA VAL A 184 -3.26 -15.27 9.24
C VAL A 184 -3.77 -16.00 10.47
N VAL A 185 -2.94 -16.83 11.06
CA VAL A 185 -3.21 -17.36 12.43
C VAL A 185 -2.58 -16.36 13.37
N LEU A 186 -3.41 -15.76 14.20
CA LEU A 186 -2.97 -14.77 15.18
C LEU A 186 -2.37 -15.51 16.37
N ALA A 187 -1.78 -14.77 17.28
CA ALA A 187 -0.92 -15.28 18.39
C ALA A 187 -1.74 -16.04 19.43
N ASP A 188 -3.07 -15.97 19.40
CA ASP A 188 -3.99 -16.78 20.25
C ASP A 188 -4.54 -17.98 19.50
N GLY A 189 -4.16 -18.19 18.24
CA GLY A 189 -4.65 -19.32 17.44
C GLY A 189 -5.87 -18.98 16.58
N GLU A 190 -6.45 -17.78 16.69
CA GLU A 190 -7.64 -17.39 15.89
C GLU A 190 -7.19 -17.13 14.43
N VAL A 191 -8.05 -17.52 13.50
CA VAL A 191 -7.75 -17.30 12.06
C VAL A 191 -8.39 -15.96 11.68
N LEU A 192 -7.58 -15.12 11.02
CA LEU A 192 -8.01 -13.82 10.48
C LEU A 192 -7.86 -13.90 8.97
N ARG A 193 -8.85 -13.42 8.23
CA ARG A 193 -8.75 -13.19 6.78
C ARG A 193 -8.83 -11.68 6.56
N THR A 194 -7.78 -11.12 5.93
CA THR A 194 -7.63 -9.65 5.82
C THR A 194 -8.57 -9.18 4.71
N GLY A 195 -8.96 -7.95 4.81
CA GLY A 195 -9.67 -7.25 3.72
C GLY A 195 -11.00 -7.89 3.42
N MET A 196 -11.29 -8.11 2.13
CA MET A 196 -12.58 -8.68 1.70
C MET A 196 -12.69 -10.19 2.04
N GLY A 197 -11.61 -10.83 2.51
CA GLY A 197 -11.69 -12.23 3.00
C GLY A 197 -12.49 -12.32 4.29
N GLY A 198 -12.70 -11.18 4.96
CA GLY A 198 -13.56 -11.07 6.15
C GLY A 198 -15.04 -11.26 5.82
N LEU A 199 -15.42 -11.06 4.55
CA LEU A 199 -16.83 -11.05 4.12
C LEU A 199 -17.16 -12.37 3.45
N PRO A 200 -17.95 -13.24 4.07
CA PRO A 200 -18.22 -14.56 3.48
C PRO A 200 -18.84 -14.40 2.10
N GLY A 201 -18.34 -15.18 1.18
CA GLY A 201 -18.84 -15.13 -0.19
C GLY A 201 -18.11 -14.18 -1.10
N SER A 202 -17.33 -13.22 -0.57
CA SER A 202 -16.66 -12.21 -1.42
C SER A 202 -15.72 -12.90 -2.38
N GLU A 203 -15.75 -12.48 -3.65
CA GLU A 203 -14.76 -12.92 -4.64
C GLU A 203 -13.62 -11.89 -4.71
N ALA A 204 -13.61 -10.85 -3.88
CA ALA A 204 -12.65 -9.72 -4.00
C ALA A 204 -11.49 -9.82 -2.98
N TRP A 205 -11.37 -10.93 -2.26
CA TRP A 205 -10.28 -11.11 -1.26
C TRP A 205 -8.92 -10.76 -1.87
N HIS A 206 -8.65 -11.20 -3.10
CA HIS A 206 -7.32 -10.96 -3.74
C HIS A 206 -7.38 -9.86 -4.78
N LEU A 207 -8.50 -9.11 -4.85
CA LEU A 207 -8.67 -8.03 -5.84
C LEU A 207 -8.53 -6.66 -5.18
N TYR A 208 -9.09 -6.48 -4.01
CA TYR A 208 -9.23 -5.13 -3.42
C TYR A 208 -8.66 -5.18 -1.99
N PRO A 209 -7.54 -4.46 -1.73
CA PRO A 209 -6.90 -4.42 -0.42
C PRO A 209 -7.60 -3.39 0.49
N GLY A 210 -8.80 -3.74 0.91
CA GLY A 210 -9.71 -2.87 1.68
C GLY A 210 -10.83 -3.67 2.31
N GLN A 211 -11.56 -2.98 3.16
CA GLN A 211 -12.59 -3.45 4.09
C GLN A 211 -13.13 -2.14 4.65
N LEU A 212 -14.24 -2.17 5.35
CA LEU A 212 -14.57 -1.05 6.26
C LEU A 212 -13.54 -1.07 7.39
N GLY A 213 -12.94 0.07 7.66
CA GLY A 213 -11.95 0.19 8.73
C GLY A 213 -10.51 0.07 8.21
N PRO A 214 -9.58 -0.13 9.16
CA PRO A 214 -8.18 -0.02 8.86
C PRO A 214 -7.64 -1.11 7.94
N SER A 215 -6.66 -0.73 7.16
CA SER A 215 -5.91 -1.66 6.27
C SER A 215 -4.76 -2.21 7.08
N ILE A 216 -4.78 -3.53 7.39
CA ILE A 216 -3.82 -4.08 8.40
C ILE A 216 -2.86 -5.11 7.77
N GLU A 217 -2.86 -5.34 6.46
CA GLU A 217 -1.87 -6.33 5.93
C GLU A 217 -0.44 -5.84 6.18
N GLY A 218 -0.21 -4.51 6.19
CA GLY A 218 1.11 -3.94 6.46
C GLY A 218 1.58 -4.23 7.88
N LEU A 219 0.65 -4.53 8.82
CA LEU A 219 1.08 -4.92 10.19
C LEU A 219 1.87 -6.21 10.17
N PHE A 220 1.65 -7.08 9.19
CA PHE A 220 2.30 -8.40 9.17
C PHE A 220 3.63 -8.34 8.41
N GLU A 221 4.13 -7.17 8.04
CA GLU A 221 5.44 -7.09 7.36
C GLU A 221 6.54 -6.83 8.39
N GLN A 222 7.57 -7.66 8.35
CA GLN A 222 8.75 -7.55 9.24
C GLN A 222 8.30 -7.44 10.70
N SER A 223 7.39 -8.29 11.09
CA SER A 223 6.80 -8.18 12.44
C SER A 223 6.58 -9.56 12.99
N ASN A 224 6.08 -9.61 14.20
CA ASN A 224 5.86 -10.87 14.94
C ASN A 224 4.41 -10.86 15.48
N PHE A 225 3.42 -10.69 14.61
CA PHE A 225 2.02 -10.51 15.04
C PHE A 225 1.12 -11.66 14.58
N GLY A 226 1.59 -12.45 13.63
CA GLY A 226 0.75 -13.55 13.15
C GLY A 226 1.54 -14.48 12.27
N ILE A 227 0.88 -15.55 11.86
CA ILE A 227 1.46 -16.58 10.94
C ILE A 227 0.58 -16.68 9.69
N CYS A 228 1.13 -16.31 8.53
CA CYS A 228 0.38 -16.31 7.27
C CYS A 228 0.33 -17.75 6.69
N THR A 229 -0.87 -18.19 6.34
CA THR A 229 -1.09 -19.55 5.78
C THR A 229 -1.54 -19.46 4.32
N ARG A 230 -1.84 -18.28 3.84
CA ARG A 230 -2.36 -18.12 2.44
C ARG A 230 -2.19 -16.67 2.05
N MET A 231 -1.82 -16.39 0.80
CA MET A 231 -1.60 -15.00 0.36
C MET A 231 -1.95 -14.89 -1.13
N GLY A 232 -2.74 -13.86 -1.47
CA GLY A 232 -2.93 -13.54 -2.89
C GLY A 232 -1.78 -12.68 -3.39
N MET A 233 -1.34 -12.94 -4.61
CA MET A 233 -0.26 -12.14 -5.23
C MET A 233 -0.76 -11.72 -6.61
N GLN A 234 -1.05 -10.45 -6.79
CA GLN A 234 -1.51 -9.95 -8.13
C GLN A 234 -0.31 -10.04 -9.11
N LEU A 235 -0.58 -10.39 -10.37
CA LEU A 235 0.44 -10.74 -11.36
C LEU A 235 0.27 -9.86 -12.58
N MET A 236 1.38 -9.35 -13.05
CA MET A 236 1.36 -8.46 -14.21
C MET A 236 0.86 -9.25 -15.40
N PRO A 237 -0.13 -8.72 -16.16
CA PRO A 237 -0.43 -9.32 -17.46
C PRO A 237 0.78 -9.24 -18.39
N THR A 238 1.04 -10.33 -19.11
CA THR A 238 2.16 -10.42 -20.05
C THR A 238 1.94 -9.42 -21.18
N PRO A 239 2.92 -8.51 -21.41
CA PRO A 239 2.85 -7.53 -22.48
C PRO A 239 3.22 -8.16 -23.81
N PRO A 240 2.94 -7.49 -24.94
CA PRO A 240 3.24 -8.08 -26.23
C PRO A 240 4.72 -8.46 -26.44
N GLU A 241 5.63 -7.60 -25.98
CA GLU A 241 7.08 -7.78 -26.12
C GLU A 241 7.80 -7.22 -24.91
N MET A 242 9.02 -7.68 -24.69
CA MET A 242 9.90 -7.15 -23.64
C MET A 242 11.33 -7.15 -24.20
N LEU A 243 12.07 -6.10 -23.93
CA LEU A 243 13.45 -5.94 -24.42
C LEU A 243 14.32 -5.34 -23.32
N SER A 244 15.39 -6.04 -22.99
CA SER A 244 16.30 -5.65 -21.91
C SER A 244 17.55 -4.97 -22.46
N PHE A 245 18.20 -4.24 -21.59
CA PHE A 245 19.41 -3.51 -21.94
C PHE A 245 20.42 -3.53 -20.80
N ALA A 246 21.66 -3.35 -21.21
CA ALA A 246 22.82 -3.19 -20.30
C ALA A 246 23.49 -1.90 -20.73
N ILE A 247 23.86 -1.09 -19.78
CA ILE A 247 24.59 0.17 -20.07
C ILE A 247 25.86 0.17 -19.23
N TYR A 248 26.99 0.22 -19.90
CA TYR A 248 28.30 0.08 -19.24
C TYR A 248 28.95 1.46 -19.12
N PHE A 249 29.46 1.76 -17.94
CA PHE A 249 30.13 3.05 -17.69
C PHE A 249 31.57 2.74 -17.31
N GLU A 250 32.49 3.49 -17.92
CA GLU A 250 33.93 3.17 -17.90
C GLU A 250 34.57 3.62 -16.58
N ASN A 251 33.92 4.51 -15.81
CA ASN A 251 34.61 5.15 -14.67
C ASN A 251 33.86 4.84 -13.37
N GLU A 252 34.58 4.55 -12.30
CA GLU A 252 33.94 4.45 -10.98
C GLU A 252 33.23 5.76 -10.64
N ASP A 253 33.79 6.87 -11.13
CA ASP A 253 33.27 8.21 -10.77
C ASP A 253 32.05 8.56 -11.63
N ASP A 254 31.54 7.65 -12.47
CA ASP A 254 30.34 7.93 -13.27
C ASP A 254 29.05 7.75 -12.44
N LEU A 255 29.13 7.25 -11.21
CA LEU A 255 27.91 6.95 -10.45
C LEU A 255 27.04 8.20 -10.28
N PRO A 256 27.52 9.40 -9.88
CA PRO A 256 26.60 10.52 -9.73
C PRO A 256 25.79 10.82 -10.99
N ALA A 257 26.44 10.90 -12.14
CA ALA A 257 25.69 11.19 -13.37
C ALA A 257 24.71 10.06 -13.69
N ILE A 258 25.11 8.81 -13.43
CA ILE A 258 24.20 7.69 -13.69
C ILE A 258 22.91 7.88 -12.88
N MET A 259 23.04 8.19 -11.58
CA MET A 259 21.86 8.25 -10.72
C MET A 259 21.03 9.49 -11.13
N GLU A 260 21.67 10.62 -11.44
CA GLU A 260 20.95 11.85 -11.75
C GLU A 260 20.30 11.72 -13.12
N THR A 261 20.83 10.87 -14.02
CA THR A 261 20.19 10.62 -15.33
C THR A 261 18.96 9.71 -15.15
N THR A 262 19.07 8.76 -14.24
CA THR A 262 18.04 7.72 -14.00
C THR A 262 16.75 8.36 -13.44
N LEU A 263 16.86 9.25 -12.45
CA LEU A 263 15.71 9.73 -11.67
C LEU A 263 14.64 10.26 -12.64
N PRO A 264 14.92 11.26 -13.50
CA PRO A 264 13.86 11.86 -14.31
C PRO A 264 13.27 10.89 -15.34
N LEU A 265 14.03 9.84 -15.71
CA LEU A 265 13.54 8.80 -16.64
C LEU A 265 12.64 7.78 -15.95
N ARG A 266 12.74 7.66 -14.62
CA ARG A 266 12.00 6.67 -13.83
C ARG A 266 10.79 7.30 -13.12
N ILE A 267 10.88 8.56 -12.69
CA ILE A 267 9.90 9.03 -11.67
C ILE A 267 8.49 9.01 -12.27
N GLY A 268 8.34 9.22 -13.59
CA GLY A 268 7.06 9.23 -14.31
C GLY A 268 6.71 7.83 -14.82
N MET A 269 7.48 6.80 -14.49
CA MET A 269 7.26 5.36 -14.84
C MET A 269 7.47 5.11 -16.32
N ALA A 270 8.10 6.04 -17.01
CA ALA A 270 8.42 5.95 -18.44
C ALA A 270 9.47 7.02 -18.72
N PRO A 271 10.49 6.74 -19.57
CA PRO A 271 10.66 5.42 -20.23
C PRO A 271 11.25 4.28 -19.40
N LEU A 272 11.61 4.51 -18.15
CA LEU A 272 12.03 3.42 -17.26
C LEU A 272 10.77 2.91 -16.57
N GLN A 273 10.21 1.83 -17.14
CA GLN A 273 8.91 1.25 -16.71
C GLN A 273 9.09 0.36 -15.50
N ALA A 274 10.29 -0.16 -15.32
CA ALA A 274 10.71 -0.83 -14.09
C ALA A 274 11.95 -0.12 -13.58
N ALA A 275 12.16 -0.15 -12.27
CA ALA A 275 13.31 0.49 -11.62
C ALA A 275 14.57 -0.26 -12.06
N PRO A 276 15.50 0.39 -12.80
CA PRO A 276 16.71 -0.31 -13.17
C PRO A 276 17.63 -0.50 -11.97
N ILE A 277 18.57 -1.42 -12.10
CA ILE A 277 19.65 -1.61 -11.11
C ILE A 277 20.92 -0.93 -11.62
N VAL A 278 21.76 -0.54 -10.71
CA VAL A 278 23.08 0.05 -11.03
C VAL A 278 24.08 -0.71 -10.19
N ARG A 279 24.80 -1.67 -10.79
CA ARG A 279 25.73 -2.46 -9.94
C ARG A 279 27.17 -2.13 -10.29
N ASN A 280 28.02 -2.38 -9.31
CA ASN A 280 29.47 -2.23 -9.54
C ASN A 280 30.01 -3.48 -10.23
N VAL A 281 31.22 -3.35 -10.78
CA VAL A 281 31.85 -4.47 -11.54
C VAL A 281 32.01 -5.68 -10.62
N THR A 282 32.31 -5.48 -9.35
CA THR A 282 32.54 -6.65 -8.48
C THR A 282 31.29 -7.53 -8.41
N PHE A 283 30.11 -6.90 -8.35
CA PHE A 283 28.84 -7.67 -8.21
C PHE A 283 28.69 -8.51 -9.46
N ASP A 284 28.82 -7.89 -10.64
CA ASP A 284 28.66 -8.65 -11.89
C ASP A 284 29.72 -9.74 -11.95
N ALA A 285 30.99 -9.40 -11.70
CA ALA A 285 32.09 -10.38 -11.76
C ALA A 285 31.74 -11.59 -10.88
N ALA A 286 31.26 -11.35 -9.68
CA ALA A 286 31.02 -12.44 -8.71
C ALA A 286 29.89 -13.39 -9.18
N CYS A 287 29.08 -12.99 -10.18
CA CYS A 287 28.04 -13.84 -10.76
C CYS A 287 28.57 -14.77 -11.84
N VAL A 288 29.75 -14.52 -12.38
CA VAL A 288 30.28 -15.25 -13.57
C VAL A 288 31.73 -15.65 -13.38
N SER A 289 32.26 -15.46 -12.18
CA SER A 289 33.68 -15.79 -11.93
C SER A 289 33.95 -15.87 -10.44
N LYS A 290 35.14 -16.35 -10.10
CA LYS A 290 35.63 -16.43 -8.70
C LYS A 290 36.73 -15.39 -8.51
N ARG A 291 36.90 -14.97 -7.27
CA ARG A 291 37.80 -13.85 -6.91
C ARG A 291 39.19 -14.08 -7.46
N GLU A 292 39.71 -15.31 -7.33
CA GLU A 292 41.12 -15.60 -7.70
C GLU A 292 41.31 -15.45 -9.21
N GLU A 293 40.24 -15.43 -10.00
CA GLU A 293 40.40 -15.22 -11.47
C GLU A 293 40.96 -13.82 -11.70
N TRP A 294 40.77 -12.93 -10.72
CA TRP A 294 41.14 -11.50 -10.85
C TRP A 294 42.33 -11.14 -9.96
N GLN A 295 42.43 -11.73 -8.78
CA GLN A 295 43.44 -11.32 -7.80
C GLN A 295 43.70 -12.47 -6.86
N THR A 296 44.96 -12.92 -6.77
CA THR A 296 45.34 -14.02 -5.86
C THR A 296 45.60 -13.51 -4.45
N GLU A 297 46.03 -12.26 -4.29
CA GLU A 297 46.34 -11.72 -2.94
C GLU A 297 45.03 -11.67 -2.17
N PRO A 298 44.97 -12.17 -0.93
CA PRO A 298 43.71 -12.22 -0.16
C PRO A 298 43.26 -10.86 0.41
N GLY A 299 44.13 -9.86 0.37
CA GLY A 299 43.82 -8.49 0.81
C GLY A 299 42.79 -7.83 -0.11
N PRO A 300 42.34 -6.59 0.21
CA PRO A 300 41.28 -5.93 -0.55
C PRO A 300 41.54 -5.87 -2.04
N LEU A 301 40.46 -5.92 -2.82
CA LEU A 301 40.59 -5.88 -4.29
C LEU A 301 41.25 -4.56 -4.67
N THR A 302 42.25 -4.64 -5.54
CA THR A 302 42.98 -3.44 -6.00
C THR A 302 42.18 -2.80 -7.14
N ASP A 303 42.43 -1.52 -7.42
CA ASP A 303 41.89 -0.87 -8.64
C ASP A 303 42.28 -1.70 -9.85
N GLU A 304 43.50 -2.24 -9.87
CA GLU A 304 43.95 -2.97 -11.07
C GLU A 304 43.11 -4.25 -11.21
N ALA A 305 42.76 -4.92 -10.11
CA ALA A 305 41.92 -6.15 -10.17
C ALA A 305 40.54 -5.77 -10.71
N LYS A 306 39.98 -4.64 -10.30
CA LYS A 306 38.62 -4.23 -10.75
C LYS A 306 38.69 -3.88 -12.24
N GLN A 307 39.77 -3.27 -12.68
CA GLN A 307 39.98 -2.91 -14.08
C GLN A 307 40.09 -4.21 -14.89
N ARG A 308 40.80 -5.19 -14.39
CA ARG A 308 40.88 -6.50 -15.10
C ARG A 308 39.46 -7.05 -15.30
N MET A 309 38.60 -7.00 -14.28
CA MET A 309 37.18 -7.42 -14.39
C MET A 309 36.51 -6.64 -15.53
N VAL A 310 36.61 -5.30 -15.49
CA VAL A 310 35.98 -4.45 -16.52
C VAL A 310 36.44 -4.91 -17.89
N ASP A 311 37.76 -5.03 -18.07
CA ASP A 311 38.33 -5.16 -19.43
C ASP A 311 38.07 -6.57 -19.97
N GLU A 312 38.19 -7.55 -19.12
CA GLU A 312 38.12 -8.96 -19.58
C GLU A 312 36.68 -9.41 -19.70
N LEU A 313 35.80 -9.02 -18.78
CA LEU A 313 34.34 -9.29 -18.89
C LEU A 313 33.73 -8.39 -19.97
N GLY A 314 34.41 -7.29 -20.32
CA GLY A 314 33.86 -6.38 -21.34
C GLY A 314 32.62 -5.66 -20.83
N ILE A 315 32.64 -5.20 -19.58
CA ILE A 315 31.49 -4.48 -18.97
C ILE A 315 31.93 -3.06 -18.56
N GLY A 316 31.56 -2.58 -17.39
CA GLY A 316 31.95 -1.24 -16.91
C GLY A 316 32.24 -1.31 -15.44
N HIS A 317 32.80 -0.26 -14.86
CA HIS A 317 32.88 -0.16 -13.39
C HIS A 317 31.48 -0.09 -12.78
N TRP A 318 30.51 0.49 -13.50
CA TRP A 318 29.07 0.53 -13.19
C TRP A 318 28.35 -0.04 -14.41
N ILE A 319 27.35 -0.86 -14.14
CA ILE A 319 26.45 -1.39 -15.19
C ILE A 319 25.03 -1.06 -14.76
N VAL A 320 24.28 -0.49 -15.67
CA VAL A 320 22.81 -0.32 -15.56
C VAL A 320 22.16 -1.46 -16.33
N TYR A 321 21.25 -2.17 -15.67
CA TYR A 321 20.36 -3.13 -16.34
C TYR A 321 18.92 -2.66 -16.19
N GLY A 322 18.18 -2.69 -17.29
CA GLY A 322 16.76 -2.38 -17.34
C GLY A 322 16.03 -3.19 -18.42
N THR A 323 14.73 -2.99 -18.47
CA THR A 323 13.82 -3.65 -19.44
C THR A 323 12.66 -2.72 -19.79
N CYS A 324 12.29 -2.73 -21.06
CA CYS A 324 11.13 -2.05 -21.62
C CYS A 324 10.07 -3.10 -21.98
N TYR A 325 8.83 -2.72 -21.78
CA TYR A 325 7.65 -3.61 -21.88
C TYR A 325 6.61 -2.97 -22.78
N GLY A 326 6.05 -3.76 -23.70
CA GLY A 326 4.85 -3.32 -24.42
C GLY A 326 4.92 -3.75 -25.87
N PRO A 327 4.08 -3.15 -26.72
CA PRO A 327 4.23 -3.34 -28.15
C PRO A 327 5.55 -2.72 -28.60
N ARG A 328 6.09 -3.22 -29.70
CA ARG A 328 7.39 -2.77 -30.21
C ARG A 328 7.40 -1.26 -30.48
N TRP A 329 6.30 -0.65 -30.95
CA TRP A 329 6.29 0.81 -31.23
C TRP A 329 6.63 1.59 -29.97
N GLN A 330 6.17 1.11 -28.83
CA GLN A 330 6.41 1.77 -27.53
C GLN A 330 7.82 1.45 -27.04
N ILE A 331 8.21 0.19 -27.05
CA ILE A 331 9.60 -0.20 -26.67
C ILE A 331 10.61 0.61 -27.46
N ASP A 332 10.45 0.75 -28.77
CA ASP A 332 11.50 1.38 -29.58
C ASP A 332 11.63 2.86 -29.17
N LYS A 333 10.51 3.52 -28.86
CA LYS A 333 10.55 4.94 -28.39
C LYS A 333 11.25 5.00 -27.04
N TYR A 334 10.92 4.14 -26.11
CA TYR A 334 11.56 4.24 -24.79
C TYR A 334 13.05 3.93 -24.87
N ILE A 335 13.43 2.87 -25.58
CA ILE A 335 14.85 2.50 -25.73
C ILE A 335 15.62 3.67 -26.32
N GLU A 336 15.08 4.36 -27.33
CA GLU A 336 15.76 5.52 -27.94
C GLU A 336 15.94 6.61 -26.87
N MET A 337 14.94 6.86 -26.03
CA MET A 337 15.05 7.90 -24.96
C MET A 337 16.15 7.51 -23.95
N ILE A 338 16.15 6.26 -23.53
CA ILE A 338 17.10 5.76 -22.51
C ILE A 338 18.50 5.82 -23.11
N ARG A 339 18.72 5.19 -24.25
CA ARG A 339 20.05 5.16 -24.91
C ARG A 339 20.54 6.61 -25.04
N ASP A 340 19.72 7.51 -25.57
CA ASP A 340 20.15 8.91 -25.84
C ASP A 340 20.57 9.59 -24.54
N ALA A 341 19.87 9.30 -23.46
CA ALA A 341 20.16 9.92 -22.15
C ALA A 341 21.52 9.46 -21.60
N TYR A 342 21.75 8.16 -21.51
CA TYR A 342 22.89 7.57 -20.80
C TYR A 342 24.16 7.71 -21.65
N LEU A 343 24.01 7.73 -22.98
CA LEU A 343 25.18 7.75 -23.87
C LEU A 343 25.78 9.15 -23.89
N GLN A 344 25.15 10.15 -23.28
CA GLN A 344 25.79 11.47 -23.08
C GLN A 344 26.88 11.40 -21.99
N ILE A 345 26.91 10.34 -21.18
CA ILE A 345 28.02 10.12 -20.23
C ILE A 345 29.20 9.62 -21.02
N PRO A 346 30.33 10.36 -21.04
CA PRO A 346 31.46 9.97 -21.87
C PRO A 346 31.89 8.53 -21.59
N GLY A 347 32.09 7.79 -22.67
CA GLY A 347 32.57 6.40 -22.57
C GLY A 347 31.47 5.36 -22.38
N ALA A 348 30.23 5.76 -22.13
CA ALA A 348 29.10 4.81 -21.93
C ALA A 348 28.88 4.01 -23.20
N ARG A 349 28.48 2.77 -23.03
CA ARG A 349 28.15 1.81 -24.12
C ARG A 349 26.82 1.13 -23.79
N PHE A 350 25.94 1.07 -24.78
CA PHE A 350 24.57 0.56 -24.63
C PHE A 350 24.43 -0.74 -25.43
N GLU A 351 23.78 -1.73 -24.86
CA GLU A 351 23.45 -3.00 -25.57
C GLU A 351 22.03 -3.42 -25.17
N THR A 352 21.40 -4.21 -26.01
CA THR A 352 20.14 -4.88 -25.66
C THR A 352 20.41 -6.37 -25.75
N ASN A 353 19.45 -7.17 -25.31
CA ASN A 353 19.58 -8.64 -25.39
C ASN A 353 19.50 -9.07 -26.84
N GLU A 354 19.08 -8.19 -27.75
CA GLU A 354 19.17 -8.52 -29.20
C GLU A 354 20.59 -8.24 -29.74
N THR A 355 21.25 -7.15 -29.36
CA THR A 355 22.62 -6.83 -29.85
C THR A 355 23.68 -7.61 -29.07
N LEU A 356 23.37 -8.08 -27.88
CA LEU A 356 24.28 -8.89 -27.06
C LEU A 356 23.47 -10.10 -26.63
N PRO A 357 23.15 -11.00 -27.58
CA PRO A 357 22.38 -12.20 -27.26
C PRO A 357 23.26 -13.17 -26.48
N LEU A 358 22.62 -14.14 -25.81
CA LEU A 358 23.35 -15.14 -25.00
C LEU A 358 24.23 -15.99 -25.92
N ARG A 359 25.52 -16.02 -25.60
CA ARG A 359 26.52 -16.80 -26.37
C ARG A 359 27.46 -17.46 -25.38
N GLU A 360 27.80 -18.72 -25.65
CA GLU A 360 28.74 -19.46 -24.79
C GLU A 360 30.06 -18.72 -24.72
N GLY A 361 30.62 -18.65 -23.52
CA GLY A 361 31.89 -17.97 -23.29
C GLY A 361 31.73 -16.45 -23.14
N ASP A 362 30.56 -15.87 -23.48
CA ASP A 362 30.41 -14.38 -23.55
C ASP A 362 29.80 -13.96 -22.22
N ARG A 363 30.65 -13.72 -21.23
CA ARG A 363 30.16 -13.55 -19.85
C ARG A 363 29.30 -12.28 -19.75
N ALA A 364 29.60 -11.24 -20.51
CA ALA A 364 28.73 -10.03 -20.50
C ALA A 364 27.32 -10.48 -20.94
N SER A 365 27.24 -11.33 -21.96
CA SER A 365 25.93 -11.78 -22.49
C SER A 365 25.20 -12.63 -21.45
N GLU A 366 25.92 -13.36 -20.63
CA GLU A 366 25.34 -14.22 -19.58
C GLU A 366 24.75 -13.31 -18.52
N LEU A 367 25.50 -12.26 -18.19
CA LEU A 367 25.03 -11.31 -17.15
C LEU A 367 23.78 -10.61 -17.60
N LEU A 368 23.73 -10.15 -18.85
CA LEU A 368 22.53 -9.48 -19.33
C LEU A 368 21.39 -10.49 -19.38
N ASN A 369 21.68 -11.69 -19.86
CA ASN A 369 20.63 -12.71 -19.99
C ASN A 369 19.99 -13.02 -18.62
N ALA A 370 20.78 -13.10 -17.56
CA ALA A 370 20.30 -13.38 -16.21
C ALA A 370 19.32 -12.27 -15.78
N ARG A 371 19.65 -11.02 -16.07
CA ARG A 371 18.76 -9.90 -15.69
C ARG A 371 17.52 -9.88 -16.58
N HIS A 372 17.71 -10.11 -17.87
CA HIS A 372 16.58 -10.17 -18.82
C HIS A 372 15.58 -11.20 -18.30
N GLU A 373 16.06 -12.34 -17.83
CA GLU A 373 15.18 -13.39 -17.28
C GLU A 373 14.40 -12.82 -16.09
N LEU A 374 15.11 -12.27 -15.10
CA LEU A 374 14.40 -11.78 -13.88
C LEU A 374 13.38 -10.72 -14.30
N ASN A 375 13.77 -9.83 -15.20
CA ASN A 375 12.95 -8.65 -15.57
C ASN A 375 11.75 -9.05 -16.42
N THR A 376 11.79 -10.26 -16.98
CA THR A 376 10.68 -10.77 -17.81
C THR A 376 9.89 -11.87 -17.07
N GLY A 377 10.16 -12.05 -15.78
CA GLY A 377 9.37 -12.94 -14.94
C GLY A 377 9.87 -14.38 -14.96
N VAL A 378 11.08 -14.62 -15.46
CA VAL A 378 11.68 -15.97 -15.52
C VAL A 378 12.68 -16.08 -14.38
N PRO A 379 12.33 -16.78 -13.31
CA PRO A 379 13.23 -16.83 -12.18
C PRO A 379 14.45 -17.70 -12.50
N ASN A 380 15.55 -17.43 -11.81
CA ASN A 380 16.80 -18.22 -11.97
C ASN A 380 17.55 -18.21 -10.64
N ARG A 381 18.71 -18.82 -10.59
CA ARG A 381 19.59 -18.67 -9.40
C ARG A 381 20.99 -18.27 -9.86
N HIS A 382 21.05 -17.53 -10.94
CA HIS A 382 22.34 -17.05 -11.48
C HIS A 382 23.16 -16.38 -10.38
N SER A 383 22.59 -15.49 -9.55
CA SER A 383 23.30 -14.75 -8.48
C SER A 383 23.77 -15.66 -7.34
N ALA A 384 23.36 -16.93 -7.29
CA ALA A 384 23.87 -17.94 -6.33
C ALA A 384 25.37 -18.18 -6.55
N ALA A 385 25.91 -17.87 -7.73
CA ALA A 385 27.35 -17.95 -7.99
C ALA A 385 28.18 -17.08 -7.04
N VAL A 386 27.60 -16.01 -6.45
CA VAL A 386 28.39 -15.15 -5.55
C VAL A 386 28.85 -15.97 -4.34
N PHE A 387 28.13 -17.06 -3.98
CA PHE A 387 28.48 -17.96 -2.84
C PHE A 387 29.80 -18.69 -3.11
N ASP A 388 30.23 -18.73 -4.37
CA ASP A 388 31.45 -19.47 -4.78
C ASP A 388 32.57 -18.47 -5.05
N TRP A 389 32.35 -17.17 -4.81
CA TRP A 389 33.40 -16.14 -5.10
C TRP A 389 34.71 -16.52 -4.41
N PHE A 390 34.59 -17.00 -3.19
CA PHE A 390 35.63 -17.75 -2.47
C PHE A 390 34.91 -18.77 -1.60
N PRO A 391 35.65 -19.73 -1.01
CA PRO A 391 34.99 -20.80 -0.25
C PRO A 391 34.19 -20.23 0.93
N ASN A 392 32.95 -20.68 1.07
CA ASN A 392 32.05 -20.36 2.21
C ASN A 392 31.64 -18.87 2.13
N ALA A 393 31.71 -18.22 0.96
CA ALA A 393 31.28 -16.81 0.82
C ALA A 393 29.77 -16.73 1.13
N GLY A 394 29.43 -15.77 1.97
CA GLY A 394 28.03 -15.43 2.23
C GLY A 394 27.95 -13.95 2.46
N HIS A 395 26.73 -13.47 2.65
CA HIS A 395 26.47 -12.03 2.79
C HIS A 395 25.67 -11.70 4.03
N PHE A 396 25.56 -10.39 4.25
CA PHE A 396 25.03 -9.76 5.48
C PHE A 396 24.71 -8.34 5.11
N PHE A 397 23.44 -8.06 4.80
CA PHE A 397 23.07 -6.86 4.02
C PHE A 397 23.12 -5.60 4.89
N TYR A 398 23.69 -4.56 4.34
CA TYR A 398 23.49 -3.15 4.77
C TYR A 398 22.79 -2.45 3.62
N ALA A 399 21.50 -2.13 3.78
CA ALA A 399 20.72 -1.59 2.64
C ALA A 399 19.93 -0.35 3.04
N PRO A 400 20.59 0.80 3.20
CA PRO A 400 19.85 1.99 3.56
C PRO A 400 19.10 2.64 2.40
N VAL A 401 18.09 3.42 2.81
CA VAL A 401 17.23 4.14 1.86
C VAL A 401 17.47 5.63 2.11
N SER A 402 17.45 6.42 1.04
CA SER A 402 17.73 7.87 1.12
C SER A 402 17.04 8.62 -0.01
N ALA A 403 17.19 9.94 -0.09
CA ALA A 403 16.70 10.69 -1.27
C ALA A 403 17.65 10.51 -2.46
N PRO A 404 17.09 10.40 -3.68
CA PRO A 404 17.94 10.34 -4.87
C PRO A 404 18.86 11.53 -5.01
N SER A 405 20.12 11.19 -5.26
CA SER A 405 21.22 12.16 -5.26
C SER A 405 22.45 11.45 -5.79
N GLY A 406 22.96 11.90 -6.94
CA GLY A 406 24.23 11.39 -7.43
C GLY A 406 25.33 11.59 -6.41
N GLU A 407 25.44 12.82 -5.89
CA GLU A 407 26.57 13.22 -5.04
C GLU A 407 26.52 12.32 -3.80
N ASP A 408 25.33 12.09 -3.23
CA ASP A 408 25.23 11.31 -1.97
C ASP A 408 25.51 9.81 -2.30
N ALA A 409 25.06 9.32 -3.45
CA ALA A 409 25.30 7.92 -3.85
C ALA A 409 26.81 7.70 -3.87
N ALA A 410 27.56 8.59 -4.55
CA ALA A 410 29.03 8.45 -4.69
C ALA A 410 29.69 8.51 -3.33
N LYS A 411 29.19 9.35 -2.42
CA LYS A 411 29.82 9.45 -1.08
C LYS A 411 29.56 8.15 -0.33
N GLN A 412 28.34 7.63 -0.36
CA GLN A 412 28.02 6.32 0.25
C GLN A 412 28.94 5.27 -0.33
N TYR A 413 29.10 5.22 -1.65
CA TYR A 413 30.01 4.23 -2.29
C TYR A 413 31.44 4.37 -1.74
N GLU A 414 32.01 5.57 -1.81
CA GLU A 414 33.42 5.82 -1.37
C GLU A 414 33.55 5.47 0.10
N ASP A 415 32.63 5.90 0.94
CA ASP A 415 32.70 5.60 2.40
C ASP A 415 32.63 4.10 2.61
N THR A 416 31.74 3.39 1.90
CA THR A 416 31.53 1.94 2.14
C THR A 416 32.75 1.19 1.61
N LYS A 417 33.31 1.59 0.47
CA LYS A 417 34.58 1.02 -0.06
C LYS A 417 35.66 1.14 1.01
N ARG A 418 35.75 2.31 1.64
CA ARG A 418 36.81 2.59 2.64
C ARG A 418 36.63 1.69 3.86
N ILE A 419 35.41 1.62 4.40
CA ILE A 419 35.09 0.87 5.64
C ILE A 419 35.24 -0.62 5.34
N SER A 420 34.78 -1.06 4.17
CA SER A 420 34.90 -2.50 3.83
C SER A 420 36.38 -2.88 3.61
N ASP A 421 37.16 -2.05 2.90
CA ASP A 421 38.64 -2.19 2.72
C ASP A 421 39.32 -2.33 4.10
N ASP A 422 38.99 -1.42 5.01
CA ASP A 422 39.53 -1.37 6.39
C ASP A 422 39.32 -2.69 7.15
N HIS A 423 38.20 -3.40 6.91
CA HIS A 423 37.84 -4.67 7.58
C HIS A 423 38.19 -5.89 6.74
N GLY A 424 38.69 -5.69 5.52
CA GLY A 424 39.11 -6.78 4.62
C GLY A 424 37.93 -7.54 4.06
N ILE A 425 36.82 -6.84 3.79
CA ILE A 425 35.54 -7.43 3.32
C ILE A 425 35.32 -6.94 1.88
N ASP A 426 34.95 -7.86 1.01
CA ASP A 426 34.63 -7.51 -0.40
C ASP A 426 33.24 -6.87 -0.44
N TYR A 427 33.10 -5.86 -1.29
CA TYR A 427 31.92 -4.97 -1.38
C TYR A 427 31.27 -5.07 -2.73
N LEU A 428 30.11 -5.71 -2.76
CA LEU A 428 29.26 -5.79 -3.95
C LEU A 428 28.17 -4.73 -3.74
N ALA A 429 28.01 -3.86 -4.72
CA ALA A 429 27.19 -2.66 -4.53
C ALA A 429 26.11 -2.62 -5.59
N GLN A 430 24.90 -2.31 -5.17
CA GLN A 430 23.87 -1.95 -6.16
C GLN A 430 23.23 -0.64 -5.67
N PHE A 431 22.89 0.22 -6.59
CA PHE A 431 22.06 1.41 -6.27
C PHE A 431 20.83 1.32 -7.14
N ILE A 432 19.69 1.64 -6.55
CA ILE A 432 18.39 1.62 -7.28
C ILE A 432 17.64 2.89 -6.88
N ILE A 433 17.13 3.62 -7.86
CA ILE A 433 15.97 4.53 -7.64
C ILE A 433 14.69 3.71 -7.90
N GLY A 434 13.89 3.44 -6.87
CA GLY A 434 12.64 2.68 -6.99
C GLY A 434 11.64 3.47 -7.79
N LEU A 435 11.22 4.60 -7.26
CA LEU A 435 10.39 5.58 -8.00
C LEU A 435 10.80 6.99 -7.53
N ARG A 436 10.77 7.24 -6.21
CA ARG A 436 11.22 8.53 -5.65
C ARG A 436 12.28 8.32 -4.58
N GLU A 437 12.66 7.09 -4.31
CA GLU A 437 13.60 6.82 -3.20
C GLU A 437 14.82 6.16 -3.78
N MET A 438 15.95 6.30 -3.07
CA MET A 438 17.21 5.65 -3.50
C MET A 438 17.58 4.61 -2.44
N HIS A 439 17.85 3.39 -2.92
CA HIS A 439 18.49 2.33 -2.13
C HIS A 439 19.97 2.20 -2.48
N HIS A 440 20.75 2.01 -1.44
CA HIS A 440 22.15 1.54 -1.50
C HIS A 440 22.14 0.13 -0.98
N ILE A 441 22.39 -0.86 -1.83
CA ILE A 441 22.52 -2.26 -1.35
C ILE A 441 24.01 -2.61 -1.24
N CYS A 442 24.50 -2.76 -0.03
CA CYS A 442 25.86 -3.23 0.29
C CYS A 442 25.74 -4.70 0.59
N LEU A 443 26.17 -5.50 -0.35
CA LEU A 443 26.24 -6.97 -0.21
C LEU A 443 27.69 -7.30 0.04
N PRO A 444 28.09 -7.49 1.31
CA PRO A 444 29.46 -7.88 1.57
C PRO A 444 29.59 -9.38 1.34
N LEU A 445 30.75 -9.84 0.94
CA LEU A 445 31.09 -11.27 0.91
C LEU A 445 32.17 -11.54 1.95
N TYR A 446 31.81 -12.38 2.90
CA TYR A 446 32.74 -12.80 3.99
C TYR A 446 32.75 -14.32 4.10
N ASP A 447 33.73 -14.85 4.83
CA ASP A 447 33.87 -16.31 5.03
C ASP A 447 32.96 -16.73 6.18
N THR A 448 31.83 -17.38 5.87
CA THR A 448 30.78 -17.67 6.86
C THR A 448 31.33 -18.67 7.88
N ALA A 449 32.35 -19.46 7.52
CA ALA A 449 32.91 -20.53 8.39
C ALA A 449 33.96 -19.97 9.37
N ASP A 450 34.42 -18.73 9.21
CA ASP A 450 35.62 -18.20 9.90
C ASP A 450 35.19 -17.19 10.95
N PRO A 451 35.34 -17.49 12.28
CA PRO A 451 34.91 -16.54 13.30
C PRO A 451 35.50 -15.12 13.19
N ALA A 452 36.75 -15.00 12.74
CA ALA A 452 37.39 -13.66 12.57
C ALA A 452 36.65 -12.91 11.48
N SER A 453 36.26 -13.58 10.41
CA SER A 453 35.60 -12.94 9.25
C SER A 453 34.17 -12.54 9.68
N ARG A 454 33.51 -13.40 10.46
CA ARG A 454 32.17 -13.10 11.02
C ARG A 454 32.31 -11.79 11.83
N LYS A 455 33.32 -11.69 12.70
CA LYS A 455 33.42 -10.51 13.61
C LYS A 455 33.70 -9.25 12.80
N GLU A 456 34.59 -9.33 11.81
CA GLU A 456 34.93 -8.19 10.96
C GLU A 456 33.66 -7.72 10.25
N THR A 457 32.87 -8.67 9.75
CA THR A 457 31.63 -8.33 9.01
C THR A 457 30.62 -7.65 9.94
N LEU A 458 30.41 -8.22 11.12
CA LEU A 458 29.49 -7.61 12.09
C LEU A 458 30.00 -6.23 12.51
N ASP A 459 31.27 -6.12 12.90
CA ASP A 459 31.82 -4.79 13.30
C ASP A 459 31.68 -3.77 12.18
N MET A 460 32.04 -4.18 10.96
CA MET A 460 31.95 -3.29 9.77
C MET A 460 30.50 -2.80 9.64
N THR A 461 29.55 -3.73 9.70
CA THR A 461 28.13 -3.40 9.45
C THR A 461 27.60 -2.49 10.56
N ARG A 462 27.93 -2.74 11.83
CA ARG A 462 27.43 -1.82 12.88
C ARG A 462 27.99 -0.43 12.68
N GLU A 463 29.22 -0.27 12.19
CA GLU A 463 29.77 1.07 11.88
C GLU A 463 29.04 1.66 10.66
N LEU A 464 28.73 0.85 9.64
CA LEU A 464 27.94 1.36 8.49
C LEU A 464 26.57 1.88 8.97
N ILE A 465 25.88 1.16 9.85
CA ILE A 465 24.56 1.57 10.37
C ILE A 465 24.76 2.90 11.13
N ARG A 466 25.79 2.96 11.98
CA ARG A 466 26.06 4.20 12.77
C ARG A 466 26.32 5.36 11.84
N ALA A 467 27.16 5.19 10.83
CA ALA A 467 27.55 6.30 9.92
C ALA A 467 26.34 6.69 9.06
N GLY A 468 25.60 5.70 8.54
CA GLY A 468 24.37 5.93 7.79
C GLY A 468 23.40 6.78 8.62
N ALA A 469 23.09 6.37 9.84
CA ALA A 469 22.12 7.08 10.70
C ALA A 469 22.54 8.55 10.87
N GLU A 470 23.82 8.81 11.09
CA GLU A 470 24.33 10.19 11.32
C GLU A 470 24.08 11.03 10.06
N GLU A 471 24.00 10.41 8.89
CA GLU A 471 23.74 11.14 7.62
C GLU A 471 22.25 11.08 7.22
N GLY A 472 21.37 10.49 8.06
CA GLY A 472 19.94 10.41 7.74
C GLY A 472 19.57 9.27 6.82
N TYR A 473 20.42 8.25 6.73
CA TYR A 473 20.21 7.07 5.86
C TYR A 473 19.79 5.89 6.75
N GLY A 474 18.57 5.42 6.56
CA GLY A 474 17.94 4.48 7.46
C GLY A 474 17.81 3.13 6.80
N ILE A 475 17.94 2.13 7.62
CA ILE A 475 17.88 0.70 7.18
C ILE A 475 16.43 0.28 7.33
N TYR A 476 15.87 -0.44 6.39
CA TYR A 476 14.46 -0.88 6.53
C TYR A 476 14.34 -2.40 6.43
N ARG A 477 15.45 -3.13 6.47
CA ARG A 477 15.44 -4.62 6.51
C ARG A 477 16.78 -5.01 7.11
N ALA A 478 16.78 -5.85 8.11
CA ALA A 478 18.06 -6.16 8.78
C ALA A 478 18.07 -7.55 9.38
N HIS A 479 19.27 -8.12 9.43
CA HIS A 479 19.57 -9.38 10.12
C HIS A 479 19.09 -9.33 11.57
N ASN A 480 18.61 -10.45 12.06
CA ASN A 480 18.32 -10.69 13.50
C ASN A 480 19.31 -9.95 14.40
N VAL A 481 20.62 -10.12 14.16
CA VAL A 481 21.64 -9.62 15.15
C VAL A 481 21.67 -8.09 15.14
N LEU A 482 21.22 -7.47 14.05
CA LEU A 482 21.23 -5.98 13.87
C LEU A 482 19.93 -5.32 14.33
N ALA A 483 18.88 -6.09 14.63
CA ALA A 483 17.50 -5.58 14.81
C ALA A 483 17.47 -4.47 15.86
N ASP A 484 18.10 -4.69 17.00
CA ASP A 484 17.94 -3.69 18.08
C ASP A 484 18.66 -2.42 17.69
N GLN A 485 19.86 -2.56 17.13
CA GLN A 485 20.65 -1.37 16.73
C GLN A 485 19.83 -0.57 15.69
N VAL A 486 19.33 -1.26 14.69
CA VAL A 486 18.57 -0.56 13.62
C VAL A 486 17.28 0.05 14.23
N ALA A 487 16.54 -0.69 15.04
CA ALA A 487 15.29 -0.18 15.64
C ALA A 487 15.64 1.09 16.40
N GLU A 488 16.79 1.11 17.06
CA GLU A 488 17.20 2.26 17.92
C GLU A 488 17.50 3.48 17.07
N THR A 489 17.80 3.31 15.79
CA THR A 489 18.03 4.52 14.93
C THR A 489 16.74 5.27 14.61
N TYR A 490 15.58 4.65 14.75
CA TYR A 490 14.27 5.32 14.50
C TYR A 490 13.83 6.04 15.76
N SER A 491 14.64 7.01 16.15
CA SER A 491 14.65 7.54 17.54
C SER A 491 13.67 8.70 17.74
N PHE A 492 13.01 9.18 16.69
CA PHE A 492 12.07 10.32 16.82
C PHE A 492 11.17 10.12 18.04
N ASN A 493 11.07 11.18 18.85
CA ASN A 493 10.19 11.24 20.02
C ASN A 493 10.41 10.02 20.92
N ASN A 494 11.67 9.79 21.33
CA ASN A 494 11.99 8.74 22.32
C ASN A 494 11.50 7.38 21.78
N HIS A 495 11.70 7.16 20.47
CA HIS A 495 11.42 5.86 19.83
C HIS A 495 9.92 5.56 19.87
N ILE A 496 9.10 6.58 19.56
CA ILE A 496 7.62 6.40 19.57
C ILE A 496 7.24 5.29 18.58
N GLN A 497 8.02 5.08 17.52
CA GLN A 497 7.72 4.01 16.53
C GLN A 497 7.80 2.66 17.23
N ARG A 498 8.97 2.38 17.84
CA ARG A 498 9.17 1.12 18.59
C ARG A 498 8.08 0.97 19.65
N ARG A 499 7.82 2.00 20.42
CA ARG A 499 6.81 1.92 21.51
C ARG A 499 5.41 1.62 20.93
N SER A 500 5.07 2.11 19.75
CA SER A 500 3.78 1.86 19.11
C SER A 500 3.76 0.42 18.59
N HIS A 501 4.88 -0.05 18.06
CA HIS A 501 5.00 -1.47 17.63
C HIS A 501 4.73 -2.34 18.84
N GLU A 502 5.36 -2.00 19.97
CA GLU A 502 5.25 -2.77 21.23
C GLU A 502 3.79 -2.80 21.71
N ARG A 503 3.09 -1.68 21.66
CA ARG A 503 1.66 -1.65 22.07
C ARG A 503 0.81 -2.59 21.21
N ILE A 504 1.06 -2.59 19.91
CA ILE A 504 0.35 -3.50 18.98
C ILE A 504 0.73 -4.96 19.32
N LYS A 505 2.03 -5.18 19.53
CA LYS A 505 2.58 -6.51 19.87
C LYS A 505 1.84 -7.07 21.08
N ASP A 506 1.71 -6.28 22.14
CA ASP A 506 1.13 -6.77 23.41
C ASP A 506 -0.38 -6.92 23.24
N ALA A 507 -0.99 -6.16 22.33
CA ALA A 507 -2.42 -6.23 22.00
C ALA A 507 -2.70 -7.56 21.30
N LEU A 508 -1.86 -7.90 20.32
CA LEU A 508 -2.13 -9.03 19.44
C LEU A 508 -1.47 -10.30 19.94
N ASP A 509 -0.50 -10.19 20.83
CA ASP A 509 0.27 -11.36 21.32
C ASP A 509 0.53 -11.16 22.80
N PRO A 510 -0.53 -11.27 23.65
CA PRO A 510 -0.39 -10.94 25.07
C PRO A 510 0.62 -11.82 25.78
N ASN A 511 0.77 -13.09 25.36
CA ASN A 511 1.74 -14.00 26.01
C ASN A 511 3.13 -13.86 25.36
N GLY A 512 3.28 -13.05 24.30
CA GLY A 512 4.59 -12.74 23.70
C GLY A 512 5.28 -14.00 23.16
N ILE A 513 4.54 -14.84 22.44
CA ILE A 513 4.99 -16.14 21.89
C ILE A 513 5.67 -15.92 20.54
N LEU A 514 5.21 -15.01 19.70
CA LEU A 514 5.75 -14.95 18.32
C LEU A 514 7.09 -14.22 18.27
N ASN A 515 8.14 -14.95 17.83
CA ASN A 515 9.53 -14.51 17.49
C ASN A 515 9.85 -13.19 18.17
N PRO A 516 10.03 -13.23 19.49
CA PRO A 516 10.26 -12.01 20.23
C PRO A 516 11.50 -11.27 19.72
N GLY A 517 11.42 -9.95 19.63
CA GLY A 517 12.55 -9.10 19.21
C GLY A 517 12.60 -8.86 17.72
N LYS A 518 11.74 -9.51 16.92
CA LYS A 518 11.76 -9.26 15.47
C LYS A 518 11.65 -7.76 15.25
N SER A 519 12.51 -7.16 14.40
CA SER A 519 12.47 -5.70 14.10
C SER A 519 12.54 -4.90 15.39
N GLY A 520 13.17 -5.47 16.41
CA GLY A 520 13.35 -4.81 17.71
C GLY A 520 12.06 -4.70 18.51
N ILE A 521 11.06 -5.51 18.15
CA ILE A 521 9.72 -5.51 18.82
C ILE A 521 9.71 -6.60 19.88
N TRP A 522 9.82 -6.17 21.14
CA TRP A 522 9.92 -7.11 22.27
C TRP A 522 8.60 -7.10 23.03
N PRO A 523 8.06 -8.29 23.36
CA PRO A 523 6.85 -8.38 24.15
C PRO A 523 7.13 -7.98 25.60
N GLU A 524 6.07 -7.48 26.24
CA GLU A 524 6.12 -6.91 27.60
C GLU A 524 6.87 -7.84 28.57
N ARG A 525 6.74 -9.17 28.44
CA ARG A 525 7.34 -10.09 29.44
C ARG A 525 8.89 -10.05 29.32
N LEU A 526 9.47 -9.63 28.20
CA LEU A 526 10.93 -9.56 28.01
C LEU A 526 11.48 -8.13 28.05
N ARG A 527 10.64 -7.12 28.20
CA ARG A 527 11.10 -5.69 28.31
C ARG A 527 11.44 -5.30 29.75
N PHE B 3 -25.25 23.89 27.08
CA PHE B 3 -24.50 23.13 26.03
C PHE B 3 -25.50 22.41 25.15
N ARG B 4 -25.32 22.47 23.85
CA ARG B 4 -26.38 21.98 22.95
C ARG B 4 -26.59 20.48 23.20
N THR B 5 -25.53 19.72 23.46
CA THR B 5 -25.58 18.25 23.75
C THR B 5 -24.47 17.92 24.76
N LEU B 6 -24.59 16.86 25.58
CA LEU B 6 -23.46 16.38 26.47
C LEU B 6 -23.19 14.90 26.24
N PRO B 7 -21.90 14.52 26.30
CA PRO B 7 -21.53 13.12 26.11
C PRO B 7 -21.97 12.36 27.37
N ASP B 8 -22.48 11.15 27.15
CA ASP B 8 -22.92 10.22 28.22
C ASP B 8 -21.79 10.11 29.25
N GLY B 9 -22.14 10.23 30.52
CA GLY B 9 -21.20 10.08 31.64
C GLY B 9 -20.58 11.40 32.06
N VAL B 10 -20.83 12.50 31.34
CA VAL B 10 -20.17 13.81 31.62
C VAL B 10 -21.23 14.84 32.03
N SER B 11 -21.11 15.36 33.25
CA SER B 11 -22.02 16.37 33.82
C SER B 11 -21.76 17.69 33.13
N ALA B 12 -22.71 18.63 33.16
CA ALA B 12 -22.55 20.03 32.72
C ALA B 12 -21.35 20.69 33.41
N GLU B 13 -21.17 20.49 34.73
CA GLU B 13 -20.04 21.09 35.47
C GLU B 13 -18.69 20.53 34.95
N GLN B 14 -18.59 19.22 34.74
CA GLN B 14 -17.35 18.56 34.25
C GLN B 14 -17.07 19.05 32.83
N PHE B 15 -18.11 19.10 32.00
CA PHE B 15 -17.95 19.62 30.62
C PHE B 15 -17.43 21.06 30.67
N ALA B 16 -18.01 21.89 31.52
CA ALA B 16 -17.66 23.32 31.63
C ALA B 16 -16.19 23.46 32.08
N ASN B 17 -15.74 22.58 32.97
CA ASN B 17 -14.34 22.58 33.43
C ASN B 17 -13.43 22.22 32.25
N ALA B 18 -13.77 21.19 31.47
CA ALA B 18 -13.00 20.79 30.27
C ALA B 18 -12.93 21.97 29.29
N ILE B 19 -14.07 22.60 28.99
CA ILE B 19 -14.14 23.78 28.09
C ILE B 19 -13.22 24.88 28.62
N SER B 20 -13.19 25.10 29.93
CA SER B 20 -12.30 26.09 30.58
C SER B 20 -10.82 25.73 30.34
N GLU B 21 -10.45 24.44 30.43
CA GLU B 21 -9.04 24.01 30.21
C GLU B 21 -8.69 24.09 28.71
N PHE B 22 -9.59 23.66 27.82
CA PHE B 22 -9.37 23.85 26.37
C PHE B 22 -9.12 25.35 26.09
N SER B 23 -9.96 26.23 26.66
CA SER B 23 -9.89 27.69 26.43
C SER B 23 -8.58 28.27 26.93
N GLU B 24 -8.21 27.91 28.15
CA GLU B 24 -6.96 28.37 28.84
C GLU B 24 -5.74 27.97 28.00
N THR B 25 -5.73 26.76 27.41
CA THR B 25 -4.50 26.21 26.78
C THR B 25 -4.43 26.57 25.30
N ILE B 26 -5.57 26.55 24.59
CA ILE B 26 -5.70 26.78 23.12
C ILE B 26 -5.94 28.25 22.86
N GLY B 27 -6.61 28.92 23.77
CA GLY B 27 -7.17 30.26 23.52
C GLY B 27 -8.69 30.21 23.42
N SER B 28 -9.40 31.14 24.08
CA SER B 28 -10.88 31.16 24.11
C SER B 28 -11.43 31.49 22.72
N GLU B 29 -10.67 32.10 21.83
CA GLU B 29 -11.19 32.46 20.49
C GLU B 29 -11.37 31.16 19.68
N TYR B 30 -10.76 30.05 20.11
CA TYR B 30 -10.68 28.80 19.28
C TYR B 30 -11.50 27.63 19.86
N VAL B 31 -12.26 27.89 20.90
CA VAL B 31 -13.17 26.91 21.55
C VAL B 31 -14.59 27.45 21.42
N ARG B 32 -15.41 26.81 20.61
CA ARG B 32 -16.74 27.34 20.25
C ARG B 32 -17.84 26.44 20.80
N VAL B 33 -18.75 27.06 21.54
CA VAL B 33 -19.96 26.34 22.06
C VAL B 33 -21.26 26.97 21.55
N ASP B 34 -21.19 28.02 20.74
CA ASP B 34 -22.40 28.75 20.29
C ASP B 34 -23.10 27.87 19.25
N GLU B 35 -24.41 27.79 19.36
CA GLU B 35 -25.24 26.97 18.44
C GLU B 35 -24.93 27.41 16.99
N ALA B 36 -24.73 28.69 16.76
CA ALA B 36 -24.51 29.22 15.39
C ALA B 36 -23.29 28.54 14.77
N THR B 37 -22.24 28.31 15.55
CA THR B 37 -20.99 27.71 15.01
C THR B 37 -21.11 26.20 15.05
N VAL B 38 -21.51 25.62 16.17
CA VAL B 38 -21.50 24.14 16.33
C VAL B 38 -22.49 23.55 15.32
N SER B 39 -23.65 24.18 15.12
CA SER B 39 -24.72 23.76 14.13
C SER B 39 -24.08 23.48 12.77
N GLU B 40 -23.08 24.27 12.39
CA GLU B 40 -22.48 24.20 11.02
C GLU B 40 -21.79 22.83 10.88
N TYR B 41 -21.42 22.17 12.00
CA TYR B 41 -20.68 20.88 11.98
C TYR B 41 -21.64 19.70 12.19
N ASP B 42 -22.95 19.92 12.21
CA ASP B 42 -23.93 18.81 12.12
C ASP B 42 -23.87 18.25 10.70
N ASP B 43 -24.26 17.00 10.51
CA ASP B 43 -24.26 16.39 9.18
C ASP B 43 -25.17 17.22 8.28
N LYS B 44 -24.66 17.57 7.12
CA LYS B 44 -25.48 18.29 6.13
C LYS B 44 -26.56 17.36 5.57
N PHE B 45 -26.25 16.08 5.46
CA PHE B 45 -27.07 15.07 4.81
C PHE B 45 -27.48 14.01 5.82
N PRO B 46 -28.24 14.37 6.86
CA PRO B 46 -28.65 13.39 7.85
C PRO B 46 -29.68 12.41 7.28
N VAL B 47 -29.80 11.26 7.91
CA VAL B 47 -30.90 10.31 7.66
C VAL B 47 -31.60 10.02 8.99
N THR B 48 -31.35 10.84 10.00
CA THR B 48 -31.93 10.70 11.36
C THR B 48 -32.52 12.07 11.71
N ASP B 49 -33.45 12.08 12.67
CA ASP B 49 -34.35 13.24 12.87
C ASP B 49 -34.08 13.92 14.21
N GLY B 50 -33.36 13.27 15.11
CA GLY B 50 -33.28 13.74 16.50
C GLY B 50 -31.91 14.25 16.87
N ASP B 51 -31.45 13.88 18.06
CA ASP B 51 -30.15 14.33 18.58
C ASP B 51 -29.04 13.31 18.29
N GLU B 52 -29.19 12.46 17.30
CA GLU B 52 -28.11 11.52 16.92
C GLU B 52 -27.00 12.30 16.21
N PHE B 53 -25.75 11.92 16.49
CA PHE B 53 -24.58 12.43 15.76
C PHE B 53 -24.43 13.95 15.90
N LYS B 54 -24.76 14.53 17.06
CA LYS B 54 -24.65 15.99 17.26
C LYS B 54 -23.47 16.28 18.18
N GLY B 55 -22.48 17.01 17.70
CA GLY B 55 -21.34 17.40 18.57
C GLY B 55 -21.73 18.53 19.53
N SER B 56 -20.99 18.63 20.63
CA SER B 56 -21.30 19.56 21.75
C SER B 56 -20.58 20.87 21.53
N ALA B 57 -19.46 20.87 20.81
CA ALA B 57 -18.51 22.00 20.78
C ALA B 57 -17.56 21.74 19.66
N VAL B 58 -16.91 22.79 19.21
CA VAL B 58 -15.88 22.64 18.17
C VAL B 58 -14.66 23.43 18.61
N ILE B 59 -13.52 22.79 18.43
CA ILE B 59 -12.21 23.44 18.68
C ILE B 59 -11.40 23.61 17.40
N TRP B 60 -10.74 24.73 17.26
CA TRP B 60 -9.91 25.03 16.08
C TRP B 60 -8.46 25.03 16.52
N PRO B 61 -7.77 23.88 16.53
CA PRO B 61 -6.37 23.84 16.94
C PRO B 61 -5.45 24.49 15.89
N GLY B 62 -4.36 25.08 16.36
CA GLY B 62 -3.47 25.89 15.50
C GLY B 62 -2.19 25.16 15.17
N SER B 63 -1.95 24.03 15.83
CA SER B 63 -0.64 23.34 15.75
C SER B 63 -0.74 21.91 16.28
N THR B 64 0.27 21.12 15.98
CA THR B 64 0.39 19.77 16.52
C THR B 64 0.35 19.87 18.05
N GLU B 65 1.05 20.89 18.61
CA GLU B 65 1.11 21.01 20.08
C GLU B 65 -0.29 21.22 20.65
N ASP B 66 -1.11 22.08 20.02
CA ASP B 66 -2.54 22.31 20.42
C ASP B 66 -3.30 20.98 20.40
N VAL B 67 -3.16 20.22 19.34
CA VAL B 67 -3.83 18.89 19.28
C VAL B 67 -3.39 18.03 20.46
N GLN B 68 -2.10 18.01 20.78
CA GLN B 68 -1.60 17.18 21.90
C GLN B 68 -2.29 17.64 23.19
N VAL B 69 -2.33 18.96 23.45
CA VAL B 69 -2.89 19.36 24.76
C VAL B 69 -4.40 19.09 24.82
N ILE B 70 -5.13 19.27 23.72
CA ILE B 70 -6.58 18.95 23.66
C ILE B 70 -6.76 17.46 23.97
N VAL B 71 -5.95 16.59 23.38
CA VAL B 71 -6.13 15.14 23.63
C VAL B 71 -5.86 14.83 25.10
N ARG B 72 -4.89 15.51 25.72
CA ARG B 72 -4.60 15.21 27.14
C ARG B 72 -5.79 15.66 27.99
N ILE B 73 -6.38 16.82 27.70
CA ILE B 73 -7.55 17.29 28.48
C ILE B 73 -8.73 16.34 28.28
N ALA B 74 -8.99 15.91 27.04
CA ALA B 74 -10.06 14.94 26.75
C ALA B 74 -9.88 13.66 27.54
N ASN B 75 -8.65 13.10 27.62
CA ASN B 75 -8.36 11.91 28.44
C ASN B 75 -8.70 12.20 29.90
N LYS B 76 -8.30 13.36 30.41
CA LYS B 76 -8.47 13.65 31.85
C LYS B 76 -9.96 13.64 32.20
N TYR B 77 -10.81 14.11 31.31
CA TYR B 77 -12.26 14.30 31.56
C TYR B 77 -13.12 13.19 30.96
N GLY B 78 -12.55 12.28 30.20
CA GLY B 78 -13.33 11.22 29.56
C GLY B 78 -14.29 11.80 28.52
N ILE B 79 -13.85 12.80 27.79
CA ILE B 79 -14.70 13.44 26.76
C ILE B 79 -14.24 12.95 25.41
N PRO B 80 -15.18 12.41 24.60
CA PRO B 80 -14.83 11.88 23.30
C PRO B 80 -14.59 13.03 22.35
N LEU B 81 -13.73 12.74 21.40
CA LEU B 81 -13.27 13.70 20.40
C LEU B 81 -13.59 13.13 19.03
N HIS B 82 -13.89 14.00 18.09
CA HIS B 82 -13.95 13.61 16.66
C HIS B 82 -13.07 14.58 15.88
N ALA B 83 -11.96 14.11 15.37
CA ALA B 83 -11.02 14.98 14.64
C ALA B 83 -11.20 14.79 13.14
N PHE B 84 -11.20 15.86 12.41
CA PHE B 84 -11.29 15.80 10.93
C PHE B 84 -10.50 16.93 10.37
N SER B 85 -10.28 16.88 9.05
CA SER B 85 -9.42 17.85 8.34
C SER B 85 -10.31 18.95 7.77
N GLY B 86 -11.17 18.59 6.83
CA GLY B 86 -12.13 19.55 6.25
C GLY B 86 -13.51 19.39 6.87
N GLY B 87 -13.87 18.19 7.27
CA GLY B 87 -15.21 17.84 7.75
C GLY B 87 -16.27 17.94 6.67
N ARG B 88 -15.92 17.65 5.42
CA ARG B 88 -16.85 17.68 4.24
C ARG B 88 -17.08 16.24 3.73
N ASN B 89 -17.20 15.30 4.64
CA ASN B 89 -17.34 13.85 4.29
C ASN B 89 -18.81 13.57 3.99
N LEU B 90 -19.38 14.34 3.08
CA LEU B 90 -20.78 14.25 2.65
C LEU B 90 -21.03 12.88 2.10
N GLY B 91 -22.16 12.31 2.50
CA GLY B 91 -22.54 10.95 2.08
C GLY B 91 -22.16 9.94 3.13
N TYR B 92 -21.30 10.34 4.07
CA TYR B 92 -20.72 9.42 5.08
C TYR B 92 -20.83 10.03 6.47
N GLY B 93 -21.44 11.18 6.62
CA GLY B 93 -21.67 11.79 7.94
C GLY B 93 -21.26 13.22 8.00
N GLY B 94 -20.58 13.76 6.98
CA GLY B 94 -20.12 15.16 6.99
C GLY B 94 -19.05 15.34 8.03
N SER B 95 -19.23 16.28 8.96
CA SER B 95 -18.33 16.48 10.11
C SER B 95 -18.95 15.86 11.37
N SER B 96 -20.01 15.07 11.26
CA SER B 96 -20.74 14.64 12.48
C SER B 96 -19.98 13.49 13.15
N PRO B 97 -19.98 13.49 14.49
CA PRO B 97 -19.37 12.39 15.26
C PRO B 97 -20.33 11.20 15.43
N MET B 98 -19.77 10.03 15.75
CA MET B 98 -20.51 8.80 16.03
C MET B 98 -21.39 9.00 17.26
N LEU B 99 -20.91 9.74 18.28
CA LEU B 99 -21.58 9.87 19.58
C LEU B 99 -22.04 11.31 19.80
N THR B 100 -23.31 11.44 20.14
CA THR B 100 -23.85 12.75 20.59
C THR B 100 -23.01 13.30 21.73
N GLY B 101 -22.72 14.60 21.72
CA GLY B 101 -21.95 15.26 22.80
C GLY B 101 -20.44 15.29 22.55
N THR B 102 -19.93 14.54 21.56
CA THR B 102 -18.50 14.56 21.17
C THR B 102 -18.03 16.00 20.88
N VAL B 103 -16.84 16.31 21.32
CA VAL B 103 -16.19 17.62 21.02
C VAL B 103 -15.48 17.47 19.68
N LEU B 104 -15.76 18.35 18.75
CA LEU B 104 -15.18 18.24 17.40
C LEU B 104 -13.88 19.00 17.30
N LEU B 105 -12.92 18.37 16.65
CA LEU B 105 -11.65 19.07 16.32
C LEU B 105 -11.60 19.30 14.81
N HIS B 106 -11.78 20.52 14.40
CA HIS B 106 -11.73 20.88 12.94
C HIS B 106 -10.31 21.37 12.67
N LEU B 107 -9.42 20.46 12.28
CA LEU B 107 -8.00 20.81 12.27
C LEU B 107 -7.75 21.79 11.14
N GLY B 108 -8.49 21.64 10.05
CA GLY B 108 -8.27 22.39 8.80
C GLY B 108 -8.58 23.88 8.90
N LYS B 109 -9.39 24.29 9.87
CA LYS B 109 -9.75 25.70 10.04
C LYS B 109 -8.47 26.56 10.06
N ARG B 110 -7.49 26.20 10.90
CA ARG B 110 -6.20 26.94 11.03
C ARG B 110 -5.01 26.17 10.49
N MET B 111 -5.04 24.82 10.48
CA MET B 111 -3.83 24.04 10.12
C MET B 111 -3.96 23.70 8.66
N ASN B 112 -3.61 24.64 7.80
CA ASN B 112 -4.11 24.66 6.38
C ASN B 112 -3.00 25.01 5.41
N ARG B 113 -1.74 24.79 5.79
CA ARG B 113 -0.59 25.15 4.95
C ARG B 113 -0.15 23.98 4.07
N VAL B 114 0.29 24.31 2.87
CA VAL B 114 1.14 23.42 2.04
C VAL B 114 2.57 23.65 2.54
N LEU B 115 3.15 22.68 3.21
CA LEU B 115 4.46 22.86 3.86
C LEU B 115 5.61 22.75 2.86
N GLU B 116 5.41 22.02 1.77
CA GLU B 116 6.53 21.73 0.86
C GLU B 116 5.97 21.25 -0.47
N ILE B 117 6.56 21.71 -1.55
CA ILE B 117 6.37 21.10 -2.89
C ILE B 117 7.77 20.77 -3.36
N ASN B 118 7.98 19.51 -3.74
CA ASN B 118 9.28 19.08 -4.26
C ASN B 118 9.05 18.64 -5.70
N GLU B 119 9.63 19.38 -6.65
CA GLU B 119 9.42 19.01 -8.06
C GLU B 119 10.29 17.80 -8.45
N LYS B 120 11.56 17.83 -8.07
CA LYS B 120 12.54 16.78 -8.46
C LYS B 120 12.03 15.40 -8.00
N LEU B 121 11.48 15.31 -6.77
CA LEU B 121 11.01 14.03 -6.22
C LEU B 121 9.46 13.92 -6.21
N ALA B 122 8.77 14.90 -6.81
CA ALA B 122 7.33 14.85 -7.16
C ALA B 122 6.50 14.51 -5.92
N TYR B 123 6.49 15.41 -4.94
CA TYR B 123 5.62 15.24 -3.78
C TYR B 123 5.35 16.60 -3.14
N ALA B 124 4.25 16.63 -2.42
CA ALA B 124 3.85 17.79 -1.60
C ALA B 124 3.68 17.27 -0.17
N VAL B 125 3.71 18.19 0.77
CA VAL B 125 3.45 17.92 2.19
C VAL B 125 2.35 18.88 2.62
N VAL B 126 1.30 18.34 3.23
CA VAL B 126 0.07 19.14 3.50
C VAL B 126 -0.29 19.01 4.97
N GLU B 127 -0.80 20.09 5.50
CA GLU B 127 -1.58 20.08 6.74
C GLU B 127 -3.03 19.70 6.43
N PRO B 128 -3.85 19.39 7.45
CA PRO B 128 -5.23 18.93 7.23
C PRO B 128 -6.10 19.82 6.34
N GLY B 129 -5.99 21.15 6.51
CA GLY B 129 -6.89 22.09 5.83
C GLY B 129 -6.60 22.33 4.37
N VAL B 130 -5.51 21.79 3.83
CA VAL B 130 -5.27 21.93 2.37
C VAL B 130 -6.34 21.14 1.64
N ASP B 131 -7.11 21.81 0.79
CA ASP B 131 -8.12 21.17 -0.07
C ASP B 131 -7.56 21.07 -1.47
N TYR B 132 -8.30 20.37 -2.34
CA TYR B 132 -7.81 20.14 -3.72
C TYR B 132 -7.55 21.47 -4.38
N LYS B 133 -8.46 22.43 -4.21
CA LYS B 133 -8.30 23.73 -4.89
C LYS B 133 -6.99 24.36 -4.46
N THR B 134 -6.72 24.35 -3.15
CA THR B 134 -5.55 25.08 -2.58
C THR B 134 -4.28 24.35 -3.00
N LEU B 135 -4.28 23.01 -3.03
CA LEU B 135 -3.04 22.32 -3.46
C LEU B 135 -2.81 22.60 -4.94
N TYR B 136 -3.86 22.54 -5.76
CA TYR B 136 -3.74 22.86 -7.20
C TYR B 136 -3.09 24.25 -7.35
N GLU B 137 -3.64 25.25 -6.67
CA GLU B 137 -3.11 26.63 -6.77
C GLU B 137 -1.65 26.68 -6.29
N ALA B 138 -1.31 26.04 -5.18
CA ALA B 138 0.06 26.07 -4.64
C ALA B 138 1.00 25.41 -5.66
N VAL B 139 0.60 24.31 -6.30
CA VAL B 139 1.51 23.63 -7.27
C VAL B 139 1.64 24.51 -8.51
N ARG B 140 0.54 25.08 -8.97
CA ARG B 140 0.55 26.07 -10.08
C ARG B 140 1.52 27.20 -9.76
N ASP B 141 1.43 27.79 -8.57
CA ASP B 141 2.26 28.98 -8.21
C ASP B 141 3.73 28.56 -8.05
N SER B 142 4.02 27.31 -7.72
CA SER B 142 5.40 26.77 -7.54
C SER B 142 6.09 26.65 -8.90
N GLY B 143 5.31 26.58 -9.98
CA GLY B 143 5.79 26.28 -11.34
C GLY B 143 6.22 24.82 -11.50
N ALA B 144 6.17 23.99 -10.45
CA ALA B 144 6.51 22.54 -10.54
C ALA B 144 5.63 21.86 -11.59
N LYS B 145 6.21 20.95 -12.36
CA LYS B 145 5.48 20.25 -13.42
C LYS B 145 4.88 19.00 -12.81
N LEU B 146 3.96 19.20 -11.88
CA LEU B 146 3.30 18.09 -11.14
C LEU B 146 1.79 18.25 -11.26
N MET B 147 1.08 17.14 -11.16
CA MET B 147 -0.38 17.11 -11.15
C MET B 147 -0.87 16.64 -9.79
N ILE B 148 -2.00 17.14 -9.39
CA ILE B 148 -2.69 16.56 -8.21
C ILE B 148 -3.69 15.51 -8.73
N ASP B 149 -4.28 14.79 -7.79
CA ASP B 149 -5.38 13.85 -8.07
C ASP B 149 -6.57 14.22 -7.20
N PRO B 150 -7.50 15.04 -7.72
CA PRO B 150 -8.65 15.45 -6.93
C PRO B 150 -9.80 14.44 -6.96
N ALA B 151 -10.53 14.31 -5.88
CA ALA B 151 -11.91 13.76 -5.92
C ALA B 151 -12.84 14.73 -6.70
N GLU B 152 -14.13 14.46 -6.69
CA GLU B 152 -15.13 15.19 -7.50
C GLU B 152 -15.32 16.63 -7.00
N LEU B 153 -15.12 16.92 -5.73
CA LEU B 153 -15.41 18.26 -5.17
C LEU B 153 -14.13 18.95 -4.69
N ASP B 154 -13.87 20.17 -5.14
CA ASP B 154 -12.54 20.80 -4.93
C ASP B 154 -12.36 21.21 -3.48
N TRP B 155 -13.40 21.14 -2.63
CA TRP B 155 -13.30 21.47 -1.19
C TRP B 155 -12.84 20.28 -0.37
N GLY B 156 -12.74 19.10 -0.98
CA GLY B 156 -12.23 17.96 -0.26
C GLY B 156 -10.81 18.19 0.23
N SER B 157 -10.53 17.73 1.43
CA SER B 157 -9.19 17.76 2.07
C SER B 157 -8.30 16.68 1.41
N VAL B 158 -7.14 17.09 0.93
CA VAL B 158 -6.12 16.10 0.46
C VAL B 158 -5.92 15.05 1.54
N MET B 159 -5.73 15.47 2.75
CA MET B 159 -5.43 14.55 3.87
C MET B 159 -6.70 13.82 4.32
N GLY B 160 -7.80 14.51 4.51
CA GLY B 160 -9.05 13.89 5.00
C GLY B 160 -9.57 12.81 4.06
N ASN B 161 -9.56 13.08 2.77
CA ASN B 161 -10.06 12.12 1.79
C ASN B 161 -9.22 10.84 1.83
N THR B 162 -7.90 10.99 1.90
CA THR B 162 -6.93 9.88 2.01
C THR B 162 -7.26 9.06 3.26
N MET B 163 -7.61 9.70 4.37
CA MET B 163 -7.85 8.93 5.60
C MET B 163 -9.12 8.10 5.51
N GLU B 164 -9.96 8.36 4.52
CA GLU B 164 -11.18 7.57 4.22
C GLU B 164 -10.95 6.52 3.13
N HIS B 165 -9.72 6.34 2.68
CA HIS B 165 -9.40 5.55 1.49
C HIS B 165 -10.13 6.12 0.28
N GLY B 166 -10.24 7.43 0.17
CA GLY B 166 -10.96 8.03 -0.96
C GLY B 166 -10.19 8.01 -2.25
N VAL B 167 -10.83 8.43 -3.33
CA VAL B 167 -10.27 8.18 -4.66
C VAL B 167 -10.54 9.36 -5.57
N GLY B 168 -9.66 9.53 -6.54
CA GLY B 168 -9.94 10.35 -7.71
C GLY B 168 -9.86 9.56 -8.97
N TYR B 169 -9.35 10.20 -10.02
CA TYR B 169 -9.63 9.72 -11.39
C TYR B 169 -8.41 9.82 -12.31
N THR B 170 -7.24 10.20 -11.82
CA THR B 170 -6.01 10.13 -12.68
C THR B 170 -5.39 8.74 -12.48
N PRO B 171 -4.22 8.45 -13.10
CA PRO B 171 -3.40 7.29 -12.74
C PRO B 171 -3.10 7.21 -11.26
N TYR B 172 -3.10 8.35 -10.57
CA TYR B 172 -2.83 8.43 -9.13
C TYR B 172 -4.13 8.40 -8.32
N ALA B 173 -5.18 7.77 -8.84
CA ALA B 173 -6.55 7.82 -8.23
C ALA B 173 -6.54 7.24 -6.82
N ASP B 174 -5.66 6.29 -6.53
CA ASP B 174 -5.71 5.62 -5.20
C ASP B 174 -4.94 6.45 -4.20
N HIS B 175 -5.62 7.39 -3.53
CA HIS B 175 -5.00 8.37 -2.62
C HIS B 175 -4.15 7.65 -1.56
N SER B 176 -4.60 6.51 -1.05
CA SER B 176 -3.88 5.74 -0.01
C SER B 176 -2.54 5.23 -0.56
N MET B 177 -2.45 4.99 -1.87
CA MET B 177 -1.20 4.49 -2.48
C MET B 177 -0.13 5.59 -2.50
N TRP B 178 -0.51 6.85 -2.71
CA TRP B 178 0.48 7.95 -2.93
C TRP B 178 0.68 8.80 -1.68
N ARG B 179 -0.10 8.51 -0.65
CA ARG B 179 0.15 8.91 0.75
C ARG B 179 1.52 8.38 1.14
N CYS B 180 2.38 9.22 1.69
CA CYS B 180 3.69 8.74 2.19
C CYS B 180 4.20 9.67 3.26
N GLY B 181 4.18 9.15 4.49
CA GLY B 181 4.75 9.82 5.67
C GLY B 181 3.72 10.67 6.38
N MET B 182 3.38 10.30 7.61
CA MET B 182 2.32 10.96 8.37
C MET B 182 2.90 11.38 9.70
N GLU B 183 2.50 12.55 10.19
CA GLU B 183 2.63 12.87 11.62
C GLU B 183 1.27 12.65 12.27
N VAL B 184 1.26 11.97 13.39
CA VAL B 184 0.01 11.53 14.05
C VAL B 184 0.12 11.78 15.53
N VAL B 185 -0.85 12.50 16.07
CA VAL B 185 -1.02 12.59 17.55
C VAL B 185 -1.84 11.38 17.98
N LEU B 186 -1.23 10.57 18.83
CA LEU B 186 -1.90 9.37 19.38
C LEU B 186 -2.81 9.81 20.52
N ALA B 187 -3.65 8.89 20.98
CA ALA B 187 -4.75 9.16 21.94
C ALA B 187 -4.18 9.56 23.31
N ASP B 188 -2.90 9.28 23.61
CA ASP B 188 -2.27 9.76 24.87
C ASP B 188 -1.60 11.10 24.67
N GLY B 189 -1.58 11.66 23.46
CA GLY B 189 -0.94 12.97 23.21
C GLY B 189 0.46 12.83 22.64
N GLU B 190 0.98 11.61 22.44
CA GLU B 190 2.35 11.43 21.90
C GLU B 190 2.29 11.63 20.40
N VAL B 191 3.34 12.21 19.85
CA VAL B 191 3.47 12.47 18.39
C VAL B 191 4.25 11.31 17.78
N LEU B 192 3.64 10.68 16.79
CA LEU B 192 4.23 9.58 16.01
C LEU B 192 4.56 10.09 14.59
N ARG B 193 5.72 9.76 14.06
CA ARG B 193 6.00 9.98 12.63
C ARG B 193 6.20 8.62 11.97
N THR B 194 5.39 8.33 10.97
CA THR B 194 5.40 6.99 10.33
C THR B 194 6.60 6.86 9.39
N GLY B 195 6.97 5.63 9.09
CA GLY B 195 8.02 5.32 8.12
C GLY B 195 9.33 5.94 8.49
N MET B 196 9.96 6.53 7.49
CA MET B 196 11.32 7.06 7.62
C MET B 196 11.25 8.39 8.38
N GLY B 197 10.06 8.92 8.68
CA GLY B 197 9.96 10.10 9.58
C GLY B 197 10.43 9.74 11.00
N GLY B 198 10.48 8.46 11.35
CA GLY B 198 10.99 8.04 12.67
C GLY B 198 12.49 8.18 12.77
N LEU B 199 13.19 8.33 11.65
CA LEU B 199 14.66 8.44 11.62
C LEU B 199 15.05 9.90 11.49
N PRO B 200 15.61 10.51 12.56
CA PRO B 200 16.06 11.89 12.49
C PRO B 200 17.03 12.15 11.32
N GLY B 201 16.67 13.12 10.51
CA GLY B 201 17.53 13.58 9.42
C GLY B 201 17.16 12.93 8.11
N SER B 202 16.30 11.90 8.15
CA SER B 202 15.98 11.20 6.89
C SER B 202 15.29 12.19 5.95
N GLU B 203 15.67 12.20 4.69
CA GLU B 203 14.95 12.97 3.64
C GLU B 203 13.94 12.07 2.93
N ALA B 204 13.72 10.85 3.41
CA ALA B 204 12.89 9.83 2.70
C ALA B 204 11.51 9.67 3.36
N TRP B 205 11.11 10.56 4.28
CA TRP B 205 9.81 10.48 5.00
C TRP B 205 8.65 10.42 3.97
N HIS B 206 8.79 11.17 2.89
CA HIS B 206 7.71 11.29 1.89
C HIS B 206 8.06 10.57 0.61
N LEU B 207 9.10 9.77 0.62
CA LEU B 207 9.62 9.05 -0.58
C LEU B 207 9.33 7.58 -0.44
N TYR B 208 9.65 6.98 0.71
CA TYR B 208 9.67 5.50 0.83
C TYR B 208 8.71 5.12 1.96
N PRO B 209 7.57 4.45 1.67
CA PRO B 209 6.61 4.06 2.70
C PRO B 209 7.09 2.80 3.41
N GLY B 210 8.10 2.96 4.23
CA GLY B 210 8.72 1.83 4.93
C GLY B 210 9.65 2.29 6.01
N GLN B 211 10.17 1.31 6.74
CA GLN B 211 10.84 1.43 8.06
C GLN B 211 11.27 0.01 8.36
N LEU B 212 12.17 -0.17 9.30
CA LEU B 212 12.29 -1.46 9.93
C LEU B 212 10.99 -1.75 10.68
N GLY B 213 10.36 -2.89 10.36
CA GLY B 213 9.15 -3.29 11.10
C GLY B 213 7.89 -3.02 10.26
N PRO B 214 6.72 -3.11 10.88
CA PRO B 214 5.45 -3.03 10.17
C PRO B 214 5.14 -1.67 9.57
N SER B 215 4.38 -1.70 8.50
CA SER B 215 3.84 -0.52 7.79
C SER B 215 2.51 -0.22 8.46
N ILE B 216 2.39 0.92 9.15
CA ILE B 216 1.20 1.18 10.00
C ILE B 216 0.38 2.35 9.49
N GLU B 217 0.72 2.95 8.34
CA GLU B 217 -0.10 4.09 7.83
C GLU B 217 -1.52 3.62 7.56
N GLY B 218 -1.69 2.38 7.09
CA GLY B 218 -3.04 1.88 6.82
C GLY B 218 -3.89 1.76 8.07
N LEU B 219 -3.27 1.67 9.25
CA LEU B 219 -4.01 1.58 10.53
C LEU B 219 -4.84 2.84 10.74
N PHE B 220 -4.44 3.95 10.12
CA PHE B 220 -5.06 5.27 10.41
C PHE B 220 -6.13 5.51 9.34
N GLU B 221 -6.47 4.51 8.51
CA GLU B 221 -7.58 4.72 7.56
C GLU B 221 -8.89 4.19 8.13
N GLN B 222 -9.94 5.02 8.03
CA GLN B 222 -11.30 4.68 8.47
C GLN B 222 -11.20 4.13 9.90
N SER B 223 -10.48 4.80 10.77
CA SER B 223 -10.27 4.29 12.15
C SER B 223 -10.25 5.45 13.13
N ASN B 224 -10.06 5.09 14.40
CA ASN B 224 -10.17 6.06 15.52
C ASN B 224 -8.95 5.81 16.42
N PHE B 225 -7.78 5.83 15.81
CA PHE B 225 -6.56 5.49 16.55
C PHE B 225 -5.63 6.70 16.72
N GLY B 226 -5.76 7.72 15.89
CA GLY B 226 -4.93 8.93 16.00
C GLY B 226 -5.46 10.10 15.24
N ILE B 227 -4.75 11.22 15.39
CA ILE B 227 -5.08 12.49 14.74
C ILE B 227 -3.90 12.92 13.88
N CYS B 228 -4.09 12.92 12.56
CA CYS B 228 -3.05 13.33 11.62
C CYS B 228 -2.90 14.84 11.57
N THR B 229 -1.66 15.31 11.64
CA THR B 229 -1.34 16.75 11.63
C THR B 229 -0.55 17.08 10.38
N ARG B 230 -0.05 16.07 9.65
CA ARG B 230 0.83 16.30 8.50
C ARG B 230 0.84 15.04 7.64
N MET B 231 0.81 15.21 6.33
CA MET B 231 0.84 14.03 5.43
C MET B 231 1.58 14.36 4.14
N GLY B 232 2.52 13.50 3.72
CA GLY B 232 3.06 13.66 2.37
C GLY B 232 2.12 13.10 1.34
N MET B 233 2.07 13.72 0.16
CA MET B 233 1.22 13.17 -0.92
C MET B 233 2.11 13.21 -2.16
N GLN B 234 2.38 12.04 -2.73
CA GLN B 234 3.24 11.99 -3.92
C GLN B 234 2.39 12.40 -5.12
N LEU B 235 2.99 13.12 -6.04
CA LEU B 235 2.22 13.79 -7.13
C LEU B 235 2.75 13.29 -8.46
N MET B 236 1.84 12.99 -9.36
CA MET B 236 2.20 12.48 -10.69
C MET B 236 2.93 13.58 -11.45
N PRO B 237 4.11 13.31 -12.01
CA PRO B 237 4.72 14.22 -12.97
C PRO B 237 3.80 14.46 -14.17
N THR B 238 3.68 15.73 -14.52
CA THR B 238 2.83 16.16 -15.67
C THR B 238 3.36 15.52 -16.94
N PRO B 239 2.48 14.84 -17.70
CA PRO B 239 2.91 14.23 -18.95
C PRO B 239 2.82 15.26 -20.06
N PRO B 240 3.39 14.95 -21.23
CA PRO B 240 3.50 15.93 -22.30
C PRO B 240 2.12 16.39 -22.78
N GLU B 241 1.19 15.45 -22.89
CA GLU B 241 -0.17 15.66 -23.41
C GLU B 241 -1.16 14.80 -22.64
N MET B 242 -2.40 15.26 -22.59
CA MET B 242 -3.53 14.46 -22.03
C MET B 242 -4.76 14.74 -22.90
N LEU B 243 -5.45 13.67 -23.25
CA LEU B 243 -6.67 13.72 -24.08
C LEU B 243 -7.77 12.89 -23.43
N SER B 244 -8.95 13.46 -23.26
CA SER B 244 -10.07 12.77 -22.59
C SER B 244 -11.11 12.31 -23.59
N PHE B 245 -11.93 11.33 -23.20
CA PHE B 245 -12.97 10.80 -24.09
C PHE B 245 -14.23 10.53 -23.30
N ALA B 246 -15.32 10.58 -24.03
CA ALA B 246 -16.68 10.19 -23.61
C ALA B 246 -17.15 9.12 -24.58
N ILE B 247 -17.77 8.09 -24.05
CA ILE B 247 -18.34 7.01 -24.87
C ILE B 247 -19.77 6.82 -24.43
N TYR B 248 -20.69 6.96 -25.38
CA TYR B 248 -22.14 6.98 -25.08
C TYR B 248 -22.75 5.68 -25.58
N PHE B 249 -23.49 5.03 -24.72
CA PHE B 249 -24.17 3.76 -24.99
C PHE B 249 -25.68 4.00 -25.02
N GLU B 250 -26.33 3.50 -26.08
CA GLU B 250 -27.76 3.72 -26.37
C GLU B 250 -28.65 2.98 -25.38
N ASN B 251 -28.20 1.86 -24.79
CA ASN B 251 -29.14 0.98 -24.06
C ASN B 251 -28.75 0.84 -22.58
N GLU B 252 -29.75 0.84 -21.69
CA GLU B 252 -29.55 0.42 -20.27
C GLU B 252 -28.86 -0.95 -20.26
N ASP B 253 -29.24 -1.85 -21.16
CA ASP B 253 -28.74 -3.25 -21.13
C ASP B 253 -27.33 -3.37 -21.70
N ASP B 254 -26.66 -2.27 -22.06
CA ASP B 254 -25.28 -2.33 -22.58
C ASP B 254 -24.29 -2.52 -21.42
N LEU B 255 -24.71 -2.36 -20.16
CA LEU B 255 -23.76 -2.36 -19.01
C LEU B 255 -22.85 -3.58 -19.04
N PRO B 256 -23.35 -4.83 -19.20
CA PRO B 256 -22.46 -5.98 -19.20
C PRO B 256 -21.32 -5.87 -20.20
N ALA B 257 -21.63 -5.57 -21.46
CA ALA B 257 -20.65 -5.42 -22.52
C ALA B 257 -19.69 -4.28 -22.21
N ILE B 258 -20.17 -3.19 -21.61
CA ILE B 258 -19.27 -2.07 -21.25
C ILE B 258 -18.24 -2.60 -20.24
N MET B 259 -18.69 -3.31 -19.22
CA MET B 259 -17.74 -3.72 -18.17
C MET B 259 -16.78 -4.80 -18.72
N GLU B 260 -17.29 -5.78 -19.46
CA GLU B 260 -16.39 -6.81 -20.03
C GLU B 260 -15.42 -6.19 -21.04
N THR B 261 -15.82 -5.15 -21.75
CA THR B 261 -14.88 -4.43 -22.64
C THR B 261 -13.79 -3.72 -21.82
N THR B 262 -14.18 -3.07 -20.73
CA THR B 262 -13.28 -2.24 -19.91
C THR B 262 -12.14 -3.09 -19.32
N LEU B 263 -12.47 -4.23 -18.75
CA LEU B 263 -11.56 -4.96 -17.84
C LEU B 263 -10.25 -5.25 -18.55
N PRO B 264 -10.20 -5.93 -19.74
CA PRO B 264 -8.91 -6.24 -20.33
C PRO B 264 -8.13 -5.05 -20.84
N LEU B 265 -8.79 -3.91 -21.06
CA LEU B 265 -8.11 -2.68 -21.48
C LEU B 265 -7.50 -1.94 -20.29
N ARG B 266 -7.95 -2.27 -19.09
CA ARG B 266 -7.55 -1.54 -17.88
C ARG B 266 -6.53 -2.33 -17.08
N ILE B 267 -6.64 -3.66 -17.09
CA ILE B 267 -5.95 -4.49 -16.06
C ILE B 267 -4.43 -4.38 -16.25
N GLY B 268 -3.97 -4.12 -17.48
CA GLY B 268 -2.56 -3.96 -17.83
C GLY B 268 -2.10 -2.51 -17.70
N MET B 269 -2.98 -1.62 -17.25
CA MET B 269 -2.72 -0.17 -17.09
C MET B 269 -2.55 0.49 -18.47
N ALA B 270 -2.86 -0.20 -19.54
CA ALA B 270 -2.83 0.38 -20.90
C ALA B 270 -3.74 -0.48 -21.77
N PRO B 271 -4.54 0.07 -22.70
CA PRO B 271 -4.60 1.50 -22.99
C PRO B 271 -5.40 2.40 -22.04
N LEU B 272 -6.10 1.80 -21.07
CA LEU B 272 -6.75 2.56 -19.97
C LEU B 272 -5.71 2.78 -18.86
N GLN B 273 -5.06 3.93 -18.91
CA GLN B 273 -3.97 4.35 -18.00
C GLN B 273 -4.52 4.83 -16.67
N ALA B 274 -5.76 5.25 -16.66
CA ALA B 274 -6.53 5.58 -15.45
C ALA B 274 -7.87 4.84 -15.53
N ALA B 275 -8.39 4.42 -14.39
CA ALA B 275 -9.66 3.72 -14.31
C ALA B 275 -10.76 4.64 -14.82
N PRO B 276 -11.44 4.27 -15.92
CA PRO B 276 -12.55 5.08 -16.41
C PRO B 276 -13.77 4.91 -15.49
N ILE B 277 -14.70 5.87 -15.55
CA ILE B 277 -15.98 5.76 -14.82
C ILE B 277 -17.05 5.37 -15.83
N VAL B 278 -18.03 4.65 -15.36
CA VAL B 278 -19.21 4.23 -16.17
C VAL B 278 -20.43 4.73 -15.41
N ARG B 279 -21.03 5.81 -15.87
CA ARG B 279 -22.20 6.24 -15.08
C ARG B 279 -23.49 6.21 -15.90
N ASN B 280 -24.56 6.11 -15.17
CA ASN B 280 -25.91 6.10 -15.78
C ASN B 280 -26.31 7.53 -16.15
N VAL B 281 -27.34 7.62 -16.99
CA VAL B 281 -27.76 8.94 -17.50
C VAL B 281 -28.15 9.83 -16.35
N THR B 282 -28.76 9.28 -15.30
CA THR B 282 -29.33 10.14 -14.25
C THR B 282 -28.20 10.89 -13.56
N PHE B 283 -27.05 10.21 -13.35
CA PHE B 283 -25.89 10.86 -12.71
C PHE B 283 -25.43 12.06 -13.56
N ASP B 284 -25.20 11.85 -14.84
CA ASP B 284 -24.77 12.99 -15.71
C ASP B 284 -25.88 14.07 -15.71
N ALA B 285 -27.14 13.67 -15.84
CA ALA B 285 -28.28 14.62 -15.91
C ALA B 285 -28.26 15.51 -14.67
N ALA B 286 -28.08 14.92 -13.50
CA ALA B 286 -28.14 15.71 -12.25
C ALA B 286 -26.99 16.73 -12.15
N CYS B 287 -25.92 16.59 -12.93
CA CYS B 287 -24.80 17.55 -12.94
C CYS B 287 -25.11 18.77 -13.80
N VAL B 288 -26.15 18.72 -14.63
CA VAL B 288 -26.37 19.79 -15.63
C VAL B 288 -27.84 20.20 -15.73
N SER B 289 -28.71 19.69 -14.86
CA SER B 289 -30.16 19.85 -15.00
C SER B 289 -30.82 19.51 -13.67
N LYS B 290 -32.06 19.96 -13.54
CA LYS B 290 -32.90 19.62 -12.36
C LYS B 290 -33.90 18.54 -12.74
N ARG B 291 -34.38 17.85 -11.74
CA ARG B 291 -35.24 16.66 -11.97
C ARG B 291 -36.48 17.10 -12.77
N GLU B 292 -37.03 18.28 -12.43
CA GLU B 292 -38.32 18.81 -12.98
C GLU B 292 -38.18 18.98 -14.50
N GLU B 293 -36.97 19.06 -15.05
CA GLU B 293 -36.81 19.19 -16.52
C GLU B 293 -37.29 17.89 -17.16
N TRP B 294 -37.21 16.77 -16.45
CA TRP B 294 -37.42 15.43 -17.03
C TRP B 294 -38.75 14.83 -16.58
N GLN B 295 -39.17 15.13 -15.36
CA GLN B 295 -40.34 14.48 -14.76
C GLN B 295 -40.89 15.41 -13.68
N THR B 296 -42.16 15.76 -13.82
CA THR B 296 -42.84 16.65 -12.85
C THR B 296 -43.36 15.79 -11.70
N GLU B 297 -43.65 14.50 -11.93
CA GLU B 297 -44.27 13.61 -10.92
C GLU B 297 -43.17 13.19 -9.94
N PRO B 298 -43.45 13.21 -8.62
CA PRO B 298 -42.43 12.92 -7.61
C PRO B 298 -42.03 11.45 -7.38
N GLY B 299 -42.78 10.50 -7.90
CA GLY B 299 -42.41 9.07 -7.76
C GLY B 299 -41.22 8.73 -8.64
N PRO B 300 -40.79 7.44 -8.64
CA PRO B 300 -39.60 6.96 -9.34
C PRO B 300 -39.54 7.42 -10.80
N LEU B 301 -38.33 7.72 -11.24
CA LEU B 301 -38.13 8.16 -12.63
C LEU B 301 -38.62 7.07 -13.57
N THR B 302 -39.46 7.46 -14.53
CA THR B 302 -39.90 6.51 -15.58
C THR B 302 -38.77 6.25 -16.57
N ASP B 303 -38.88 5.13 -17.26
CA ASP B 303 -38.00 4.86 -18.42
C ASP B 303 -38.08 6.01 -19.43
N GLU B 304 -39.27 6.62 -19.62
CA GLU B 304 -39.39 7.69 -20.63
C GLU B 304 -38.66 8.95 -20.14
N ALA B 305 -38.69 9.26 -18.85
CA ALA B 305 -37.94 10.42 -18.31
C ALA B 305 -36.43 10.22 -18.53
N LYS B 306 -35.92 8.97 -18.32
CA LYS B 306 -34.49 8.64 -18.55
C LYS B 306 -34.18 8.78 -20.02
N GLN B 307 -35.10 8.38 -20.90
CA GLN B 307 -34.87 8.53 -22.36
C GLN B 307 -34.85 10.01 -22.71
N ARG B 308 -35.71 10.81 -22.11
CA ARG B 308 -35.66 12.27 -22.38
C ARG B 308 -34.30 12.81 -22.05
N MET B 309 -33.76 12.41 -20.91
CA MET B 309 -32.43 12.86 -20.48
C MET B 309 -31.42 12.53 -21.55
N VAL B 310 -31.47 11.30 -22.05
CA VAL B 310 -30.46 10.83 -23.02
C VAL B 310 -30.57 11.70 -24.28
N ASP B 311 -31.78 11.82 -24.76
CA ASP B 311 -32.06 12.45 -26.06
C ASP B 311 -31.79 13.94 -25.98
N GLU B 312 -32.27 14.61 -24.93
CA GLU B 312 -32.11 16.09 -24.84
C GLU B 312 -30.66 16.47 -24.52
N LEU B 313 -30.00 15.73 -23.64
CA LEU B 313 -28.59 16.03 -23.31
C LEU B 313 -27.63 15.53 -24.39
N GLY B 314 -28.05 14.56 -25.20
CA GLY B 314 -27.21 14.04 -26.29
C GLY B 314 -26.13 13.14 -25.73
N ILE B 315 -26.47 12.31 -24.75
CA ILE B 315 -25.47 11.40 -24.12
C ILE B 315 -25.95 9.95 -24.33
N GLY B 316 -25.90 9.09 -23.31
CA GLY B 316 -26.30 7.67 -23.44
C GLY B 316 -26.97 7.24 -22.15
N HIS B 317 -27.53 6.04 -22.12
CA HIS B 317 -28.07 5.45 -20.88
C HIS B 317 -26.91 5.14 -19.96
N TRP B 318 -25.76 4.83 -20.57
CA TRP B 318 -24.45 4.72 -19.88
C TRP B 318 -23.44 5.62 -20.58
N ILE B 319 -22.57 6.25 -19.82
CA ILE B 319 -21.47 7.04 -20.37
C ILE B 319 -20.19 6.55 -19.70
N VAL B 320 -19.21 6.23 -20.53
CA VAL B 320 -17.81 6.01 -20.07
C VAL B 320 -17.02 7.29 -20.27
N TYR B 321 -16.28 7.72 -19.24
CA TYR B 321 -15.33 8.83 -19.31
C TYR B 321 -13.96 8.27 -18.95
N GLY B 322 -12.96 8.64 -19.73
CA GLY B 322 -11.56 8.37 -19.36
C GLY B 322 -10.63 9.33 -20.02
N THR B 323 -9.34 9.11 -19.77
CA THR B 323 -8.28 10.00 -20.28
C THR B 323 -7.05 9.18 -20.60
N CYS B 324 -6.35 9.59 -21.65
CA CYS B 324 -5.04 9.06 -22.02
C CYS B 324 -3.99 10.13 -21.78
N TYR B 325 -2.80 9.66 -21.42
CA TYR B 325 -1.67 10.49 -20.94
C TYR B 325 -0.38 10.09 -21.66
N GLY B 326 0.41 11.08 -22.06
CA GLY B 326 1.75 10.85 -22.55
C GLY B 326 1.98 11.66 -23.81
N PRO B 327 3.07 11.39 -24.54
CA PRO B 327 3.24 12.05 -25.83
C PRO B 327 2.10 11.67 -26.77
N ARG B 328 1.86 12.53 -27.76
CA ARG B 328 0.77 12.33 -28.74
C ARG B 328 0.89 10.96 -29.42
N TRP B 329 2.10 10.49 -29.75
CA TRP B 329 2.25 9.18 -30.45
C TRP B 329 1.64 8.04 -29.63
N GLN B 330 1.77 8.11 -28.30
CA GLN B 330 1.25 7.07 -27.40
C GLN B 330 -0.27 7.28 -27.23
N ILE B 331 -0.69 8.49 -26.94
CA ILE B 331 -2.13 8.82 -26.83
C ILE B 331 -2.84 8.30 -28.07
N ASP B 332 -2.33 8.59 -29.27
CA ASP B 332 -3.13 8.28 -30.48
C ASP B 332 -3.31 6.76 -30.59
N LYS B 333 -2.28 5.99 -30.21
CA LYS B 333 -2.33 4.52 -30.23
C LYS B 333 -3.39 4.05 -29.24
N TYR B 334 -3.38 4.59 -28.04
CA TYR B 334 -4.29 4.13 -26.98
C TYR B 334 -5.73 4.51 -27.35
N ILE B 335 -5.95 5.76 -27.77
CA ILE B 335 -7.31 6.22 -28.17
C ILE B 335 -7.84 5.29 -29.27
N GLU B 336 -7.05 4.95 -30.28
CA GLU B 336 -7.53 4.01 -31.33
C GLU B 336 -7.89 2.66 -30.70
N MET B 337 -7.10 2.12 -29.75
CA MET B 337 -7.45 0.79 -29.20
C MET B 337 -8.78 0.91 -28.44
N ILE B 338 -8.95 1.98 -27.69
CA ILE B 338 -10.15 2.20 -26.84
C ILE B 338 -11.39 2.38 -27.74
N ARG B 339 -11.29 3.30 -28.71
CA ARG B 339 -12.41 3.58 -29.63
C ARG B 339 -12.80 2.26 -30.32
N ASP B 340 -11.81 1.54 -30.87
CA ASP B 340 -12.08 0.28 -31.62
C ASP B 340 -12.81 -0.72 -30.72
N ALA B 341 -12.37 -0.89 -29.46
CA ALA B 341 -12.98 -1.88 -28.56
C ALA B 341 -14.43 -1.50 -28.23
N TYR B 342 -14.65 -0.27 -27.78
CA TYR B 342 -16.00 0.09 -27.30
C TYR B 342 -16.97 0.22 -28.45
N LEU B 343 -16.49 0.61 -29.63
CA LEU B 343 -17.42 0.82 -30.76
C LEU B 343 -17.89 -0.53 -31.32
N GLN B 344 -17.37 -1.64 -30.83
CA GLN B 344 -17.96 -2.98 -31.15
C GLN B 344 -19.38 -3.07 -30.55
N ILE B 345 -19.73 -2.25 -29.55
CA ILE B 345 -21.06 -2.33 -28.90
C ILE B 345 -22.03 -1.58 -29.79
N PRO B 346 -23.03 -2.26 -30.36
CA PRO B 346 -23.92 -1.57 -31.30
C PRO B 346 -24.52 -0.29 -30.70
N GLY B 347 -24.47 0.81 -31.46
CA GLY B 347 -25.06 2.11 -31.08
C GLY B 347 -24.08 3.00 -30.35
N ALA B 348 -22.90 2.50 -29.96
CA ALA B 348 -21.92 3.28 -29.19
C ALA B 348 -21.44 4.48 -30.00
N ARG B 349 -21.16 5.60 -29.33
CA ARG B 349 -20.55 6.79 -29.96
C ARG B 349 -19.43 7.31 -29.09
N PHE B 350 -18.30 7.65 -29.72
CA PHE B 350 -17.01 8.00 -29.09
C PHE B 350 -16.71 9.46 -29.40
N GLU B 351 -16.37 10.25 -28.39
CA GLU B 351 -15.93 11.65 -28.57
C GLU B 351 -14.67 11.90 -27.74
N THR B 352 -13.85 12.86 -28.16
CA THR B 352 -12.77 13.41 -27.32
C THR B 352 -13.10 14.85 -26.94
N ASN B 353 -12.30 15.43 -26.06
CA ASN B 353 -12.47 16.87 -25.69
C ASN B 353 -12.03 17.73 -26.89
N GLU B 354 -11.42 17.13 -27.90
CA GLU B 354 -11.10 17.86 -29.16
C GLU B 354 -12.34 17.87 -30.07
N THR B 355 -13.03 16.75 -30.19
CA THR B 355 -14.20 16.63 -31.11
C THR B 355 -15.47 17.17 -30.44
N LEU B 356 -15.49 17.16 -29.11
CA LEU B 356 -16.58 17.75 -28.29
C LEU B 356 -15.97 18.77 -27.34
N PRO B 357 -15.44 19.90 -27.87
CA PRO B 357 -14.88 20.92 -27.02
C PRO B 357 -15.95 21.62 -26.17
N LEU B 358 -15.50 22.22 -25.08
CA LEU B 358 -16.39 22.97 -24.17
C LEU B 358 -17.05 24.09 -24.95
N ARG B 359 -18.38 24.13 -24.94
CA ARG B 359 -19.17 25.23 -25.58
C ARG B 359 -20.34 25.58 -24.65
N GLU B 360 -20.50 26.88 -24.33
CA GLU B 360 -21.66 27.46 -23.61
C GLU B 360 -22.97 26.80 -24.08
N GLY B 361 -23.72 26.21 -23.14
CA GLY B 361 -25.07 25.65 -23.39
C GLY B 361 -25.04 24.27 -24.03
N ASP B 362 -23.86 23.74 -24.38
CA ASP B 362 -23.72 22.34 -24.89
C ASP B 362 -23.46 21.48 -23.65
N ARG B 363 -24.52 20.95 -23.07
CA ARG B 363 -24.40 20.35 -21.73
C ARG B 363 -23.53 19.08 -21.82
N ALA B 364 -23.62 18.31 -22.89
CA ALA B 364 -22.72 17.12 -23.03
C ALA B 364 -21.26 17.59 -23.02
N SER B 365 -20.94 18.74 -23.61
CA SER B 365 -19.56 19.25 -23.64
C SER B 365 -19.14 19.65 -22.24
N GLU B 366 -20.07 20.14 -21.41
CA GLU B 366 -19.77 20.60 -20.03
C GLU B 366 -19.51 19.36 -19.17
N LEU B 367 -20.27 18.30 -19.41
CA LEU B 367 -20.08 16.98 -18.71
C LEU B 367 -18.70 16.43 -19.02
N LEU B 368 -18.34 16.35 -20.30
CA LEU B 368 -16.97 15.85 -20.64
C LEU B 368 -15.91 16.80 -20.10
N ASN B 369 -16.12 18.12 -20.23
CA ASN B 369 -15.14 19.10 -19.74
C ASN B 369 -14.88 18.84 -18.25
N ALA B 370 -15.92 18.58 -17.48
CA ALA B 370 -15.80 18.40 -16.01
C ALA B 370 -14.93 17.21 -15.71
N ARG B 371 -15.11 16.10 -16.45
CA ARG B 371 -14.28 14.90 -16.24
C ARG B 371 -12.88 15.20 -16.73
N HIS B 372 -12.69 15.78 -17.93
CA HIS B 372 -11.36 16.14 -18.45
C HIS B 372 -10.55 16.95 -17.43
N GLU B 373 -11.15 17.96 -16.80
CA GLU B 373 -10.53 18.70 -15.69
C GLU B 373 -10.08 17.74 -14.57
N LEU B 374 -11.01 16.99 -13.97
CA LEU B 374 -10.63 16.13 -12.83
C LEU B 374 -9.53 15.16 -13.26
N ASN B 375 -9.63 14.63 -14.48
CA ASN B 375 -8.67 13.59 -14.92
C ASN B 375 -7.31 14.16 -15.32
N THR B 376 -7.20 15.49 -15.43
CA THR B 376 -5.95 16.19 -15.78
C THR B 376 -5.50 16.98 -14.56
N GLY B 377 -6.08 16.71 -13.38
CA GLY B 377 -5.58 17.26 -12.11
C GLY B 377 -6.12 18.65 -11.85
N VAL B 378 -7.15 19.09 -12.58
CA VAL B 378 -7.77 20.43 -12.34
C VAL B 378 -9.04 20.20 -11.52
N PRO B 379 -9.04 20.59 -10.24
CA PRO B 379 -10.21 20.35 -9.42
C PRO B 379 -11.35 21.29 -9.81
N ASN B 380 -12.56 20.85 -9.54
CA ASN B 380 -13.76 21.66 -9.76
C ASN B 380 -14.82 21.23 -8.77
N ARG B 381 -16.00 21.84 -8.86
CA ARG B 381 -17.15 21.40 -8.03
C ARG B 381 -18.33 21.22 -8.97
N HIS B 382 -18.07 20.72 -10.16
CA HIS B 382 -19.15 20.50 -11.14
C HIS B 382 -20.25 19.62 -10.54
N SER B 383 -19.89 18.50 -9.89
CA SER B 383 -20.83 17.49 -9.33
C SER B 383 -21.67 18.08 -8.21
N ALA B 384 -21.33 19.28 -7.70
CA ALA B 384 -22.12 19.89 -6.62
C ALA B 384 -23.51 20.25 -7.16
N ALA B 385 -23.66 20.40 -8.47
CA ALA B 385 -24.98 20.63 -9.05
C ALA B 385 -25.97 19.52 -8.64
N VAL B 386 -25.53 18.31 -8.24
CA VAL B 386 -26.52 17.24 -7.92
C VAL B 386 -27.32 17.68 -6.70
N PHE B 387 -26.79 18.60 -5.89
CA PHE B 387 -27.50 19.08 -4.69
C PHE B 387 -28.71 19.95 -5.08
N ASP B 388 -28.77 20.44 -6.32
CA ASP B 388 -29.88 21.26 -6.85
C ASP B 388 -30.87 20.38 -7.62
N TRP B 389 -30.66 19.06 -7.72
CA TRP B 389 -31.54 18.18 -8.54
C TRP B 389 -33.00 18.42 -8.17
N PHE B 390 -33.29 18.50 -6.87
CA PHE B 390 -34.55 19.06 -6.28
C PHE B 390 -34.13 19.75 -5.00
N PRO B 391 -35.00 20.54 -4.35
CA PRO B 391 -34.65 21.20 -3.12
C PRO B 391 -34.17 20.21 -2.03
N ASN B 392 -33.04 20.58 -1.43
CA ASN B 392 -32.44 19.86 -0.29
C ASN B 392 -31.99 18.44 -0.73
N ALA B 393 -31.69 18.25 -2.01
CA ALA B 393 -31.17 16.94 -2.46
C ALA B 393 -29.80 16.71 -1.81
N GLY B 394 -29.66 15.57 -1.15
CA GLY B 394 -28.37 15.09 -0.67
C GLY B 394 -28.20 13.62 -1.00
N HIS B 395 -27.07 13.03 -0.59
CA HIS B 395 -26.72 11.62 -0.88
C HIS B 395 -26.26 10.93 0.41
N PHE B 396 -26.12 9.63 0.25
CA PHE B 396 -25.96 8.67 1.35
C PHE B 396 -25.52 7.38 0.67
N PHE B 397 -24.23 7.19 0.61
CA PHE B 397 -23.60 6.23 -0.32
C PHE B 397 -23.83 4.79 0.09
N TYR B 398 -24.06 4.01 -0.95
CA TYR B 398 -23.97 2.53 -0.92
C TYR B 398 -22.96 2.14 -1.99
N ALA B 399 -21.80 1.64 -1.57
CA ALA B 399 -20.61 1.51 -2.43
C ALA B 399 -19.92 0.15 -2.26
N PRO B 400 -20.54 -0.94 -2.71
CA PRO B 400 -19.90 -2.25 -2.61
C PRO B 400 -18.83 -2.50 -3.66
N VAL B 401 -17.90 -3.42 -3.33
CA VAL B 401 -16.78 -3.86 -4.21
C VAL B 401 -17.04 -5.33 -4.54
N SER B 402 -16.69 -5.76 -5.72
CA SER B 402 -16.96 -7.14 -6.19
C SER B 402 -15.95 -7.51 -7.27
N ALA B 403 -16.00 -8.73 -7.78
CA ALA B 403 -15.15 -9.17 -8.91
C ALA B 403 -15.73 -8.57 -10.19
N PRO B 404 -14.87 -8.07 -11.09
CA PRO B 404 -15.32 -7.59 -12.39
C PRO B 404 -16.10 -8.68 -13.10
N SER B 405 -17.27 -8.28 -13.57
CA SER B 405 -18.23 -9.18 -14.25
C SER B 405 -19.29 -8.28 -14.86
N GLY B 406 -19.43 -8.29 -16.18
CA GLY B 406 -20.57 -7.60 -16.82
C GLY B 406 -21.90 -8.07 -16.26
N GLU B 407 -22.15 -9.39 -16.29
CA GLU B 407 -23.45 -9.97 -15.90
C GLU B 407 -23.74 -9.58 -14.45
N ASP B 408 -22.75 -9.64 -13.55
CA ASP B 408 -23.04 -9.31 -12.14
C ASP B 408 -23.26 -7.79 -11.98
N ALA B 409 -22.63 -6.94 -12.78
CA ALA B 409 -22.86 -5.45 -12.75
C ALA B 409 -24.33 -5.21 -13.11
N ALA B 410 -24.83 -5.90 -14.13
CA ALA B 410 -26.20 -5.67 -14.63
C ALA B 410 -27.20 -6.07 -13.56
N LYS B 411 -26.87 -7.12 -12.82
CA LYS B 411 -27.71 -7.69 -11.73
C LYS B 411 -27.72 -6.72 -10.53
N GLN B 412 -26.55 -6.32 -10.03
CA GLN B 412 -26.48 -5.20 -9.05
C GLN B 412 -27.30 -3.98 -9.50
N TYR B 413 -27.10 -3.49 -10.72
CA TYR B 413 -27.86 -2.36 -11.28
C TYR B 413 -29.37 -2.61 -11.17
N GLU B 414 -29.83 -3.75 -11.70
CA GLU B 414 -31.28 -4.03 -11.82
C GLU B 414 -31.88 -4.17 -10.42
N ASP B 415 -31.15 -4.80 -9.52
CA ASP B 415 -31.63 -4.97 -8.13
C ASP B 415 -31.62 -3.61 -7.43
N THR B 416 -30.61 -2.79 -7.66
CA THR B 416 -30.50 -1.48 -6.93
C THR B 416 -31.61 -0.58 -7.46
N LYS B 417 -31.86 -0.58 -8.77
CA LYS B 417 -32.99 0.14 -9.40
C LYS B 417 -34.30 -0.30 -8.74
N ARG B 418 -34.49 -1.61 -8.58
CA ARG B 418 -35.76 -2.15 -8.02
C ARG B 418 -35.90 -1.68 -6.56
N ILE B 419 -34.85 -1.78 -5.76
CA ILE B 419 -34.96 -1.52 -4.28
C ILE B 419 -35.07 -0.01 -4.10
N SER B 420 -34.36 0.77 -4.91
CA SER B 420 -34.47 2.25 -4.88
C SER B 420 -35.88 2.69 -5.35
N ASP B 421 -36.40 2.11 -6.43
CA ASP B 421 -37.78 2.43 -6.90
C ASP B 421 -38.79 2.02 -5.81
N ASP B 422 -38.57 0.91 -5.13
CA ASP B 422 -39.46 0.45 -4.02
C ASP B 422 -39.58 1.55 -2.95
N HIS B 423 -38.54 2.36 -2.74
CA HIS B 423 -38.49 3.40 -1.68
C HIS B 423 -38.70 4.80 -2.22
N GLY B 424 -38.91 4.92 -3.53
CA GLY B 424 -39.11 6.22 -4.23
C GLY B 424 -37.88 7.11 -4.27
N ILE B 425 -36.67 6.52 -4.20
CA ILE B 425 -35.40 7.30 -4.11
C ILE B 425 -34.69 7.20 -5.47
N ASP B 426 -34.23 8.33 -5.95
CA ASP B 426 -33.49 8.43 -7.24
C ASP B 426 -32.09 7.80 -7.07
N TYR B 427 -31.70 7.03 -8.07
CA TYR B 427 -30.49 6.18 -8.12
C TYR B 427 -29.52 6.71 -9.17
N LEU B 428 -28.45 7.36 -8.73
CA LEU B 428 -27.34 7.80 -9.60
C LEU B 428 -26.28 6.70 -9.48
N ALA B 429 -25.88 6.11 -10.59
CA ALA B 429 -24.99 4.93 -10.56
C ALA B 429 -23.68 5.24 -11.25
N GLN B 430 -22.59 4.75 -10.66
CA GLN B 430 -21.28 4.78 -11.32
C GLN B 430 -20.65 3.39 -11.09
N PHE B 431 -20.19 2.72 -12.15
CA PHE B 431 -19.39 1.49 -12.01
C PHE B 431 -17.97 1.77 -12.43
N ILE B 432 -17.00 1.18 -11.72
CA ILE B 432 -15.54 1.41 -11.95
C ILE B 432 -14.85 0.07 -11.78
N ILE B 433 -14.04 -0.29 -12.77
CA ILE B 433 -12.94 -1.26 -12.56
C ILE B 433 -11.68 -0.45 -12.23
N GLY B 434 -11.22 -0.53 -11.00
CA GLY B 434 -9.98 0.16 -10.62
C GLY B 434 -8.77 -0.42 -11.29
N LEU B 435 -8.45 -1.68 -11.04
CA LEU B 435 -7.47 -2.43 -11.83
C LEU B 435 -7.99 -3.86 -11.93
N ARG B 436 -8.28 -4.49 -10.80
CA ARG B 436 -8.81 -5.87 -10.76
C ARG B 436 -10.13 -5.94 -10.02
N GLU B 437 -10.56 -4.86 -9.38
CA GLU B 437 -11.82 -4.90 -8.60
C GLU B 437 -12.87 -4.06 -9.29
N MET B 438 -14.14 -4.37 -9.03
CA MET B 438 -15.27 -3.58 -9.59
C MET B 438 -16.01 -2.90 -8.44
N HIS B 439 -16.10 -1.58 -8.52
CA HIS B 439 -16.92 -0.78 -7.59
C HIS B 439 -18.29 -0.52 -8.21
N HIS B 440 -19.32 -0.66 -7.39
CA HIS B 440 -20.67 -0.15 -7.71
C HIS B 440 -20.95 1.02 -6.79
N ILE B 441 -20.96 2.24 -7.31
CA ILE B 441 -21.26 3.42 -6.46
C ILE B 441 -22.75 3.69 -6.63
N CYS B 442 -23.52 3.50 -5.57
CA CYS B 442 -24.94 3.93 -5.57
C CYS B 442 -25.04 5.28 -4.84
N LEU B 443 -25.31 6.33 -5.58
CA LEU B 443 -25.42 7.71 -5.03
C LEU B 443 -26.91 8.00 -5.08
N PRO B 444 -27.64 7.82 -3.98
CA PRO B 444 -29.05 8.17 -3.97
C PRO B 444 -29.24 9.67 -3.75
N LEU B 445 -30.22 10.29 -4.40
CA LEU B 445 -30.59 11.68 -4.03
C LEU B 445 -31.92 11.62 -3.31
N TYR B 446 -31.94 12.17 -2.13
CA TYR B 446 -33.14 12.19 -1.28
C TYR B 446 -33.24 13.60 -0.68
N ASP B 447 -34.40 13.86 -0.11
CA ASP B 447 -34.70 15.17 0.49
C ASP B 447 -34.19 15.16 1.93
N THR B 448 -33.07 15.84 2.18
CA THR B 448 -32.41 15.80 3.50
C THR B 448 -33.25 16.54 4.54
N ALA B 449 -34.22 17.34 4.11
CA ALA B 449 -35.09 18.14 5.01
C ALA B 449 -36.35 17.37 5.43
N ASP B 450 -36.61 16.19 4.86
CA ASP B 450 -37.92 15.51 4.96
C ASP B 450 -37.72 14.20 5.72
N PRO B 451 -38.24 14.06 6.96
CA PRO B 451 -38.05 12.84 7.75
C PRO B 451 -38.44 11.55 7.02
N ALA B 452 -39.48 11.64 6.18
CA ALA B 452 -40.03 10.49 5.46
C ALA B 452 -38.99 10.10 4.43
N SER B 453 -38.36 11.07 3.77
CA SER B 453 -37.32 10.79 2.74
C SER B 453 -36.08 10.23 3.43
N ARG B 454 -35.70 10.80 4.55
CA ARG B 454 -34.58 10.25 5.34
C ARG B 454 -34.83 8.78 5.68
N LYS B 455 -36.00 8.45 6.24
CA LYS B 455 -36.32 7.05 6.62
C LYS B 455 -36.31 6.17 5.39
N GLU B 456 -36.95 6.56 4.28
CA GLU B 456 -36.93 5.70 3.08
C GLU B 456 -35.48 5.42 2.68
N THR B 457 -34.62 6.42 2.76
CA THR B 457 -33.22 6.31 2.27
C THR B 457 -32.45 5.39 3.22
N LEU B 458 -32.56 5.59 4.52
CA LEU B 458 -31.92 4.69 5.49
C LEU B 458 -32.46 3.25 5.29
N ASP B 459 -33.78 3.06 5.21
CA ASP B 459 -34.35 1.70 5.02
C ASP B 459 -33.84 1.07 3.73
N MET B 460 -33.90 1.83 2.63
CA MET B 460 -33.43 1.38 1.30
C MET B 460 -31.97 0.89 1.44
N THR B 461 -31.16 1.70 2.07
CA THR B 461 -29.71 1.38 2.13
C THR B 461 -29.45 0.17 3.04
N ARG B 462 -30.12 0.05 4.19
CA ARG B 462 -29.91 -1.16 5.02
C ARG B 462 -30.27 -2.39 4.20
N GLU B 463 -31.31 -2.28 3.37
CA GLU B 463 -31.71 -3.40 2.50
C GLU B 463 -30.65 -3.67 1.43
N LEU B 464 -30.07 -2.62 0.85
CA LEU B 464 -28.99 -2.78 -0.16
C LEU B 464 -27.79 -3.48 0.50
N ILE B 465 -27.43 -3.10 1.72
CA ILE B 465 -26.32 -3.75 2.45
C ILE B 465 -26.63 -5.24 2.63
N ARG B 466 -27.83 -5.60 3.11
CA ARG B 466 -28.23 -7.00 3.29
C ARG B 466 -28.18 -7.73 1.97
N ALA B 467 -28.77 -7.16 0.93
CA ALA B 467 -28.82 -7.80 -0.40
C ALA B 467 -27.40 -8.01 -0.93
N GLY B 468 -26.55 -7.00 -0.80
CA GLY B 468 -25.16 -7.05 -1.28
C GLY B 468 -24.36 -8.13 -0.55
N ALA B 469 -24.54 -8.20 0.77
CA ALA B 469 -23.82 -9.14 1.66
C ALA B 469 -24.21 -10.56 1.28
N GLU B 470 -25.49 -10.80 1.03
CA GLU B 470 -25.96 -12.16 0.63
C GLU B 470 -25.23 -12.60 -0.65
N GLU B 471 -24.87 -11.69 -1.54
CA GLU B 471 -24.21 -12.01 -2.83
C GLU B 471 -22.68 -11.95 -2.73
N GLY B 472 -22.11 -11.71 -1.55
CA GLY B 472 -20.64 -11.55 -1.42
C GLY B 472 -20.16 -10.15 -1.83
N TYR B 473 -21.01 -9.12 -1.79
CA TYR B 473 -20.62 -7.72 -2.14
C TYR B 473 -20.46 -6.94 -0.84
N GLY B 474 -19.23 -6.53 -0.55
CA GLY B 474 -18.92 -5.86 0.71
C GLY B 474 -18.68 -4.39 0.49
N ILE B 475 -19.08 -3.63 1.48
CA ILE B 475 -18.98 -2.15 1.53
C ILE B 475 -17.66 -1.79 2.22
N TYR B 476 -16.95 -0.82 1.69
CA TYR B 476 -15.63 -0.50 2.26
C TYR B 476 -15.58 0.96 2.70
N ARG B 477 -16.72 1.63 2.74
CA ARG B 477 -16.80 3.02 3.26
C ARG B 477 -18.26 3.29 3.55
N ALA B 478 -18.59 3.83 4.71
CA ALA B 478 -20.00 3.88 5.15
C ALA B 478 -20.25 5.03 6.11
N HIS B 479 -21.43 5.59 5.97
CA HIS B 479 -21.95 6.63 6.87
C HIS B 479 -21.91 6.13 8.33
N ASN B 480 -21.71 7.07 9.26
CA ASN B 480 -21.80 6.84 10.72
C ASN B 480 -22.96 5.89 11.07
N VAL B 481 -24.16 6.13 10.55
CA VAL B 481 -25.37 5.39 10.99
C VAL B 481 -25.30 3.94 10.50
N LEU B 482 -24.50 3.65 9.49
CA LEU B 482 -24.38 2.32 8.87
C LEU B 482 -23.22 1.54 9.50
N ALA B 483 -22.39 2.18 10.32
CA ALA B 483 -21.08 1.61 10.78
C ALA B 483 -21.29 0.19 11.31
N ASP B 484 -22.19 -0.02 12.27
CA ASP B 484 -22.32 -1.33 12.95
C ASP B 484 -22.83 -2.37 11.96
N GLN B 485 -23.80 -2.01 11.12
CA GLN B 485 -24.40 -2.96 10.18
C GLN B 485 -23.29 -3.41 9.22
N VAL B 486 -22.54 -2.48 8.67
CA VAL B 486 -21.52 -2.84 7.66
C VAL B 486 -20.41 -3.61 8.37
N ALA B 487 -19.92 -3.11 9.49
CA ALA B 487 -18.93 -3.86 10.29
C ALA B 487 -19.36 -5.32 10.48
N GLU B 488 -20.64 -5.59 10.79
CA GLU B 488 -21.17 -6.95 11.10
C GLU B 488 -21.19 -7.82 9.86
N THR B 489 -21.15 -7.25 8.64
CA THR B 489 -21.11 -8.10 7.43
C THR B 489 -19.73 -8.78 7.29
N TYR B 490 -18.66 -8.22 7.84
CA TYR B 490 -17.29 -8.84 7.82
C TYR B 490 -17.26 -9.92 8.91
N SER B 491 -18.13 -10.93 8.78
CA SER B 491 -18.47 -11.84 9.91
C SER B 491 -17.49 -13.02 10.03
N PHE B 492 -16.56 -13.21 9.09
CA PHE B 492 -15.63 -14.37 9.09
C PHE B 492 -15.10 -14.61 10.52
N ASN B 493 -15.20 -15.86 10.96
CA ASN B 493 -14.64 -16.31 12.27
C ASN B 493 -15.12 -15.38 13.40
N ASN B 494 -16.44 -15.25 13.54
CA ASN B 494 -17.03 -14.50 14.67
C ASN B 494 -16.44 -13.08 14.66
N HIS B 495 -16.41 -12.44 13.50
CA HIS B 495 -16.01 -11.02 13.40
C HIS B 495 -14.57 -10.87 13.91
N ILE B 496 -13.67 -11.77 13.54
CA ILE B 496 -12.25 -11.65 13.97
C ILE B 496 -11.66 -10.30 13.52
N GLN B 497 -12.11 -9.74 12.39
CA GLN B 497 -11.56 -8.45 11.95
C GLN B 497 -11.94 -7.38 12.99
N ARG B 498 -13.22 -7.26 13.32
CA ARG B 498 -13.65 -6.24 14.31
C ARG B 498 -12.98 -6.56 15.67
N ARG B 499 -12.82 -7.82 16.01
CA ARG B 499 -12.17 -8.18 17.32
C ARG B 499 -10.72 -7.66 17.29
N SER B 500 -10.04 -7.79 16.17
CA SER B 500 -8.63 -7.36 16.00
C SER B 500 -8.60 -5.82 16.05
N HIS B 501 -9.53 -5.16 15.39
CA HIS B 501 -9.66 -3.69 15.47
C HIS B 501 -9.85 -3.24 16.91
N GLU B 502 -10.62 -3.97 17.70
CA GLU B 502 -10.95 -3.56 19.08
C GLU B 502 -9.67 -3.76 19.91
N ARG B 503 -8.93 -4.85 19.69
CA ARG B 503 -7.69 -5.06 20.47
C ARG B 503 -6.74 -3.86 20.24
N ILE B 504 -6.60 -3.41 18.98
CA ILE B 504 -5.68 -2.33 18.58
C ILE B 504 -6.23 -1.03 19.20
N LYS B 505 -7.54 -0.83 19.10
CA LYS B 505 -8.20 0.36 19.66
C LYS B 505 -7.87 0.47 21.15
N ASP B 506 -8.08 -0.60 21.88
CA ASP B 506 -7.85 -0.59 23.36
C ASP B 506 -6.36 -0.38 23.67
N ALA B 507 -5.44 -0.90 22.86
CA ALA B 507 -3.97 -0.70 23.03
C ALA B 507 -3.58 0.76 22.74
N LEU B 508 -4.16 1.40 21.71
CA LEU B 508 -3.71 2.75 21.30
C LEU B 508 -4.54 3.87 21.93
N ASP B 509 -5.71 3.55 22.48
CA ASP B 509 -6.69 4.51 23.04
C ASP B 509 -7.34 3.91 24.26
N PRO B 510 -6.54 3.68 25.33
CA PRO B 510 -7.04 2.96 26.48
C PRO B 510 -8.28 3.59 27.14
N ASN B 511 -8.40 4.93 27.11
CA ASN B 511 -9.54 5.67 27.67
C ASN B 511 -10.70 5.75 26.66
N GLY B 512 -10.48 5.34 25.42
CA GLY B 512 -11.53 5.33 24.37
C GLY B 512 -12.07 6.73 24.10
N ILE B 513 -11.17 7.67 23.85
CA ILE B 513 -11.50 9.11 23.66
C ILE B 513 -11.75 9.34 22.18
N LEU B 514 -11.14 8.60 21.27
CA LEU B 514 -11.25 9.01 19.84
C LEU B 514 -12.48 8.36 19.18
N ASN B 515 -13.33 9.23 18.60
CA ASN B 515 -14.60 8.98 17.88
C ASN B 515 -15.06 7.54 18.05
N PRO B 516 -15.57 7.18 19.25
CA PRO B 516 -15.92 5.79 19.48
C PRO B 516 -16.92 5.26 18.46
N GLY B 517 -16.71 4.04 17.97
CA GLY B 517 -17.66 3.38 17.06
C GLY B 517 -17.35 3.68 15.58
N LYS B 518 -16.34 4.51 15.29
CA LYS B 518 -15.90 4.70 13.88
C LYS B 518 -15.70 3.30 13.28
N SER B 519 -16.23 3.05 12.08
CA SER B 519 -16.13 1.75 11.37
C SER B 519 -16.54 0.58 12.26
N GLY B 520 -17.45 0.79 13.22
CA GLY B 520 -17.92 -0.24 14.14
C GLY B 520 -16.88 -0.59 15.18
N ILE B 521 -15.91 0.26 15.41
CA ILE B 521 -14.78 -0.01 16.36
C ILE B 521 -15.05 0.74 17.66
N TRP B 522 -15.59 0.03 18.64
CA TRP B 522 -16.00 0.60 19.95
C TRP B 522 -14.91 0.28 20.97
N PRO B 523 -14.57 1.26 21.81
CA PRO B 523 -13.65 1.01 22.90
C PRO B 523 -14.33 0.14 23.96
N GLU B 524 -13.46 -0.50 24.71
CA GLU B 524 -13.81 -1.48 25.77
C GLU B 524 -14.86 -0.85 26.68
N ARG B 525 -14.68 0.39 27.13
CA ARG B 525 -15.62 1.04 28.08
C ARG B 525 -17.04 1.12 27.51
N LEU B 526 -17.22 1.05 26.19
CA LEU B 526 -18.57 1.12 25.57
C LEU B 526 -19.06 -0.24 25.06
N ARG B 527 -18.28 -1.31 25.17
CA ARG B 527 -18.72 -2.64 24.65
C ARG B 527 -19.49 -3.42 25.74
PA FAD C . 11.29 -16.67 4.56
O1A FAD C . 12.64 -16.93 5.13
O2A FAD C . 10.30 -17.81 4.48
O5B FAD C . 10.63 -15.51 5.39
C5B FAD C . 11.34 -14.35 5.75
C4B FAD C . 10.73 -13.81 7.03
O4B FAD C . 9.36 -13.39 6.81
C3B FAD C . 10.63 -14.82 8.19
O3B FAD C . 11.86 -14.91 8.90
C2B FAD C . 9.43 -14.27 8.99
O2B FAD C . 9.87 -13.20 9.81
C1B FAD C . 8.51 -13.80 7.87
N9A FAD C . 7.60 -14.81 7.38
C8A FAD C . 7.78 -15.55 6.26
N7A FAD C . 6.78 -16.36 6.05
C5A FAD C . 5.93 -16.18 7.12
C6A FAD C . 4.69 -16.73 7.44
N6A FAD C . 4.10 -17.68 6.71
N1A FAD C . 4.11 -16.31 8.58
C2A FAD C . 4.73 -15.35 9.32
N3A FAD C . 5.88 -14.74 9.09
C4A FAD C . 6.45 -15.21 7.96
N1 FAD C . 15.76 -10.28 -1.36
C2 FAD C . 14.93 -9.57 -2.10
O2 FAD C . 13.82 -9.20 -1.64
N3 FAD C . 15.20 -9.28 -3.38
C4 FAD C . 16.37 -9.62 -3.99
O4 FAD C . 16.54 -9.39 -5.20
C4X FAD C . 17.29 -10.33 -3.24
N5 FAD C . 18.43 -10.65 -3.81
C5X FAD C . 19.32 -11.37 -3.06
C6 FAD C . 20.53 -11.74 -3.65
C7 FAD C . 21.46 -12.51 -2.99
C7M FAD C . 22.75 -12.90 -3.69
C8 FAD C . 21.18 -12.93 -1.67
C8M FAD C . 22.15 -13.77 -0.91
C9 FAD C . 20.00 -12.54 -1.06
C9A FAD C . 19.04 -11.77 -1.73
N10 FAD C . 17.82 -11.41 -1.16
C10 FAD C . 16.90 -10.69 -1.91
C1' FAD C . 17.41 -11.87 0.19
C2' FAD C . 16.66 -13.21 0.19
O2' FAD C . 17.31 -14.18 -0.72
C3' FAD C . 15.19 -13.15 -0.27
O3' FAD C . 14.56 -12.03 0.30
C4' FAD C . 14.36 -14.39 0.03
O4' FAD C . 13.24 -14.46 -0.89
C5' FAD C . 13.86 -14.39 1.45
O5' FAD C . 13.72 -15.73 1.96
P FAD C . 12.34 -16.52 1.86
O1P FAD C . 12.62 -17.98 2.00
O2P FAD C . 11.67 -16.05 0.60
O3P FAD C . 11.50 -15.99 3.11
CL CL D . 16.69 -13.45 -3.63
PA FAD E . -12.85 14.87 6.28
O1A FAD E . -14.28 15.04 6.55
O2A FAD E . -11.93 15.93 6.83
O5B FAD E . -12.29 13.47 6.80
C5B FAD E . -13.06 12.25 6.66
C4B FAD E . -12.78 11.38 7.87
O4B FAD E . -11.39 10.99 7.90
C3B FAD E . -13.04 12.03 9.24
O3B FAD E . -14.41 11.98 9.57
C2B FAD E . -12.13 11.15 10.12
O2B FAD E . -12.70 9.93 10.45
C1B FAD E . -10.90 11.02 9.23
N9A FAD E . -9.98 12.17 9.32
C8A FAD E . -9.80 13.17 8.39
N7A FAD E . -8.85 13.99 8.73
C5A FAD E . -8.33 13.48 9.91
C6A FAD E . -7.25 13.86 10.72
N6A FAD E . -6.46 14.91 10.47
N1A FAD E . -6.97 13.07 11.79
C2A FAD E . -7.70 11.96 12.01
N3A FAD E . -8.76 11.52 11.34
C4A FAD E . -8.99 12.32 10.27
N1 FAD E . -15.27 10.85 -2.29
C2 FAD E . -14.22 10.32 -2.93
O2 FAD E . -13.28 9.77 -2.31
N3 FAD E . -14.09 10.47 -4.30
C4 FAD E . -15.12 10.99 -5.07
O4 FAD E . -14.98 11.12 -6.29
C4X FAD E . -16.25 11.53 -4.41
N5 FAD E . -17.24 12.07 -5.11
C5X FAD E . -18.31 12.59 -4.43
C6 FAD E . -19.36 13.14 -5.17
C7 FAD E . -20.45 13.74 -4.58
C7M FAD E . -21.57 14.30 -5.44
C8 FAD E . -20.50 13.76 -3.17
C8M FAD E . -21.67 14.35 -2.44
C9 FAD E . -19.49 13.19 -2.42
C9A FAD E . -18.39 12.59 -3.02
N10 FAD E . -17.32 12.03 -2.31
C10 FAD E . -16.24 11.45 -2.98
C1' FAD E . -17.35 11.97 -0.84
C2' FAD E . -16.67 13.22 -0.18
O2' FAD E . -17.00 14.38 -0.89
C3' FAD E . -15.14 13.26 -0.22
O3' FAD E . -14.56 12.01 0.05
C4' FAD E . -14.49 14.30 0.70
O4' FAD E . -13.24 14.65 0.11
C5' FAD E . -14.31 13.76 2.10
O5' FAD E . -14.38 14.86 3.02
P FAD E . -13.08 15.62 3.52
O1P FAD E . -13.47 16.96 4.10
O2P FAD E . -11.99 15.61 2.50
O3P FAD E . -12.55 14.75 4.72
CL CL F . -15.60 14.58 -3.60
#